data_5E29
#
_entry.id   5E29
#
_cell.length_a   95.878
_cell.length_b   98.419
_cell.length_c   65.444
_cell.angle_alpha   90.000
_cell.angle_beta   90.000
_cell.angle_gamma   90.000
#
_symmetry.space_group_name_H-M   'P 21 21 2'
#
loop_
_entity.id
_entity.type
_entity.pdbx_description
1 polymer 'Hemoglobin subunit alpha'
2 polymer 'Hemoglobin subunit beta'
3 non-polymer 'NITRIC OXIDE'
4 non-polymer 'PROTOPORPHYRIN IX CONTAINING FE'
5 non-polymer '2-(nitrooxy)ethyl 2-(4-{2-[(3,5-dimethylphenyl)amino]-2-oxoethyl}phenoxy)-2-methylpropanoate'
6 non-polymer '2-{4-[(3,5-DIMETHYLANILINO)-CARBONYL-METHYL]-PHENOXY}-2-METHYLPROPIONIC ACID'
7 non-polymer 'NITRATE ION'
8 non-polymer 'CACODYLATE ION'
9 water water
#
loop_
_entity_poly.entity_id
_entity_poly.type
_entity_poly.pdbx_seq_one_letter_code
_entity_poly.pdbx_strand_id
1 'polypeptide(L)'
;VLSPADKTNVKAAWGKVGAHAGEYGAEALERMFLSFPTTKTYFPHFDLSHGSAQVKGHGKKVADALTNAVAHVDDMPNAL
SALSDLHAHKLRVDPVNFKLLSHCLLVTLAAHLPAEFTPAVHASLDKFLASVSTVLTSKYR
;
A,C
2 'polypeptide(L)'
;HLTPEEKSAVTALWGKVNVDEVGGEALGRLLVVYPWTQRFFESFGDLSTPDAVMGNPKVKAHGKKVLGAFSDGLAHLDNL
KGTFATLSELHCDKLHVDPENFRLLGNVLVCVLAHHFGKEFTPPVQAAYQKVVAGVANALAHKYH
;
B,D
#
loop_
_chem_comp.id
_chem_comp.type
_chem_comp.name
_chem_comp.formula
5JN non-polymer '2-(nitrooxy)ethyl 2-(4-{2-[(3,5-dimethylphenyl)amino]-2-oxoethyl}phenoxy)-2-methylpropanoate' 'C22 H26 N2 O7'
CAC non-polymer 'CACODYLATE ION' 'C2 H6 As O2 -1'
HEM non-polymer 'PROTOPORPHYRIN IX CONTAINING FE' 'C34 H32 Fe N4 O4'
NO non-polymer 'NITRIC OXIDE' 'N O'
NO3 non-polymer 'NITRATE ION' 'N O3 -1'
RQ3 non-polymer '2-{4-[(3,5-DIMETHYLANILINO)-CARBONYL-METHYL]-PHENOXY}-2-METHYLPROPIONIC ACID' 'C20 H23 N O4'
#
# COMPACT_ATOMS: atom_id res chain seq x y z
N VAL A 1 -3.86 17.70 -5.58
CA VAL A 1 -3.67 19.17 -5.37
C VAL A 1 -4.61 19.69 -4.30
N LEU A 2 -4.06 20.42 -3.33
CA LEU A 2 -4.86 20.99 -2.25
C LEU A 2 -5.55 22.26 -2.74
N SER A 3 -6.88 22.26 -2.69
CA SER A 3 -7.66 23.42 -3.13
C SER A 3 -7.69 24.51 -2.05
N PRO A 4 -8.19 25.70 -2.41
CA PRO A 4 -8.27 26.81 -1.46
C PRO A 4 -9.10 26.43 -0.24
N ALA A 5 -10.17 25.67 -0.47
CA ALA A 5 -11.04 25.22 0.61
C ALA A 5 -10.27 24.27 1.54
N ASP A 6 -9.41 23.43 0.97
CA ASP A 6 -8.60 22.49 1.76
C ASP A 6 -7.65 23.26 2.68
N LYS A 7 -6.93 24.22 2.11
CA LYS A 7 -5.98 25.02 2.87
C LYS A 7 -6.70 25.75 3.98
N THR A 8 -7.89 26.27 3.68
CA THR A 8 -8.70 26.98 4.67
C THR A 8 -9.07 26.02 5.82
N ASN A 9 -9.56 24.84 5.44
CA ASN A 9 -9.97 23.81 6.41
C ASN A 9 -8.78 23.40 7.28
N VAL A 10 -7.66 23.07 6.64
CA VAL A 10 -6.47 22.64 7.37
C VAL A 10 -5.98 23.71 8.36
N LYS A 11 -5.91 24.96 7.92
CA LYS A 11 -5.45 26.06 8.77
C LYS A 11 -6.35 26.27 9.99
N ALA A 12 -7.65 26.03 9.82
CA ALA A 12 -8.60 26.19 10.92
C ALA A 12 -8.53 25.04 11.91
N ALA A 13 -8.44 23.82 11.39
CA ALA A 13 -8.37 22.65 12.25
C ALA A 13 -7.06 22.61 13.02
N TRP A 14 -5.94 22.87 12.35
CA TRP A 14 -4.67 22.83 13.05
C TRP A 14 -4.55 24.04 13.95
N GLY A 15 -5.25 25.12 13.57
CA GLY A 15 -5.24 26.33 14.38
C GLY A 15 -5.91 26.07 15.72
N LYS A 16 -6.93 25.23 15.71
CA LYS A 16 -7.67 24.88 16.92
C LYS A 16 -6.80 24.01 17.82
N VAL A 17 -5.89 23.24 17.20
CA VAL A 17 -4.99 22.37 17.96
C VAL A 17 -4.11 23.26 18.84
N GLY A 18 -3.66 24.38 18.26
CA GLY A 18 -2.84 25.32 18.98
C GLY A 18 -1.72 24.77 19.85
N ALA A 19 -1.83 25.01 21.16
CA ALA A 19 -0.81 24.58 22.11
C ALA A 19 -0.76 23.09 22.39
N HIS A 20 -1.75 22.35 21.86
CA HIS A 20 -1.83 20.91 22.06
C HIS A 20 -1.08 20.13 20.97
N ALA A 21 -0.54 20.84 19.99
CA ALA A 21 0.19 20.22 18.88
C ALA A 21 1.14 19.10 19.31
N GLY A 22 2.12 19.43 20.16
CA GLY A 22 3.06 18.44 20.61
C GLY A 22 2.40 17.25 21.28
N GLU A 23 1.40 17.52 22.11
CA GLU A 23 0.65 16.48 22.83
C GLU A 23 -0.04 15.53 21.85
N TYR A 24 -0.68 16.09 20.83
CA TYR A 24 -1.38 15.30 19.83
C TYR A 24 -0.39 14.53 18.96
N GLY A 25 0.77 15.14 18.74
CA GLY A 25 1.81 14.48 17.97
C GLY A 25 2.27 13.24 18.73
N ALA A 26 2.46 13.40 20.04
CA ALA A 26 2.92 12.28 20.86
C ALA A 26 1.86 11.19 20.90
N GLU A 27 0.60 11.60 20.96
CA GLU A 27 -0.51 10.64 21.01
C GLU A 27 -0.61 9.87 19.69
N ALA A 28 -0.49 10.59 18.58
CA ALA A 28 -0.53 9.97 17.25
C ALA A 28 0.58 8.91 17.16
N LEU A 29 1.77 9.23 17.67
CA LEU A 29 2.88 8.28 17.66
C LEU A 29 2.55 7.07 18.52
N GLU A 30 2.04 7.30 19.73
CA GLU A 30 1.70 6.17 20.59
C GLU A 30 0.60 5.31 19.96
N ARG A 31 -0.35 5.97 19.29
CA ARG A 31 -1.43 5.24 18.63
C ARG A 31 -0.86 4.35 17.54
N MET A 32 0.08 4.88 16.77
CA MET A 32 0.68 4.11 15.69
C MET A 32 1.54 2.94 16.21
N PHE A 33 2.31 3.18 17.27
CA PHE A 33 3.15 2.11 17.82
C PHE A 33 2.32 0.93 18.31
N LEU A 34 1.18 1.21 18.94
CA LEU A 34 0.31 0.14 19.45
C LEU A 34 -0.49 -0.56 18.36
N SER A 35 -1.10 0.24 17.49
CA SER A 35 -1.92 -0.27 16.38
C SER A 35 -1.16 -0.97 15.26
N PHE A 36 0.04 -0.48 14.97
CA PHE A 36 0.88 -1.05 13.91
C PHE A 36 2.31 -1.23 14.45
N PRO A 37 2.54 -2.30 15.23
CA PRO A 37 3.82 -2.63 15.85
C PRO A 37 5.06 -2.58 14.94
N THR A 38 4.92 -2.94 13.67
CA THR A 38 6.06 -2.91 12.76
C THR A 38 6.68 -1.51 12.64
N THR A 39 5.92 -0.47 12.98
CA THR A 39 6.49 0.89 12.90
C THR A 39 7.56 1.09 13.96
N LYS A 40 7.52 0.26 15.02
CA LYS A 40 8.50 0.36 16.11
C LYS A 40 9.92 -0.03 15.66
N THR A 41 10.03 -0.70 14.52
CA THR A 41 11.34 -1.09 14.03
C THR A 41 12.20 0.13 13.71
N TYR A 42 11.54 1.28 13.53
CA TYR A 42 12.23 2.53 13.22
C TYR A 42 12.67 3.29 14.48
N PHE A 43 12.27 2.79 15.65
CA PHE A 43 12.62 3.44 16.91
C PHE A 43 13.18 2.43 17.92
N PRO A 44 14.16 1.61 17.49
CA PRO A 44 14.75 0.62 18.39
C PRO A 44 15.45 1.23 19.62
N HIS A 45 16.04 2.40 19.45
CA HIS A 45 16.76 3.07 20.53
C HIS A 45 15.84 3.98 21.37
N PHE A 46 14.53 3.75 21.27
CA PHE A 46 13.56 4.56 22.01
C PHE A 46 12.81 3.82 23.10
N ASP A 47 12.50 4.55 24.17
CA ASP A 47 11.69 4.00 25.23
C ASP A 47 10.28 4.36 24.72
N LEU A 48 9.54 3.35 24.29
CA LEU A 48 8.20 3.54 23.74
C LEU A 48 7.07 3.27 24.73
N SER A 49 7.38 3.28 26.02
CA SER A 49 6.35 3.03 27.04
C SER A 49 5.42 4.23 27.15
N HIS A 50 4.20 3.99 27.61
CA HIS A 50 3.22 5.06 27.74
C HIS A 50 3.75 6.17 28.61
N GLY A 51 3.70 7.40 28.09
CA GLY A 51 4.19 8.55 28.83
C GLY A 51 5.66 8.85 28.59
N SER A 52 6.30 8.01 27.78
CA SER A 52 7.72 8.19 27.46
C SER A 52 8.10 9.64 27.17
N ALA A 53 9.21 10.08 27.76
CA ALA A 53 9.69 11.45 27.55
C ALA A 53 10.17 11.57 26.10
N GLN A 54 10.73 10.48 25.59
CA GLN A 54 11.24 10.43 24.22
C GLN A 54 10.13 10.57 23.19
N VAL A 55 9.00 9.91 23.45
CA VAL A 55 7.87 10.01 22.53
C VAL A 55 7.24 11.40 22.66
N LYS A 56 7.15 11.91 23.88
CA LYS A 56 6.58 13.25 24.10
C LYS A 56 7.44 14.22 23.31
N GLY A 57 8.75 14.12 23.48
CA GLY A 57 9.64 15.00 22.77
C GLY A 57 9.53 14.80 21.28
N HIS A 58 9.39 13.55 20.84
CA HIS A 58 9.29 13.31 19.42
C HIS A 58 7.99 13.85 18.86
N GLY A 59 6.93 13.80 19.65
CA GLY A 59 5.64 14.30 19.20
C GLY A 59 5.76 15.78 18.91
N LYS A 60 6.50 16.50 19.74
CA LYS A 60 6.66 17.93 19.53
C LYS A 60 7.37 18.19 18.21
N LYS A 61 8.39 17.39 17.90
CA LYS A 61 9.14 17.56 16.65
C LYS A 61 8.26 17.39 15.41
N VAL A 62 7.42 16.36 15.43
CA VAL A 62 6.52 16.06 14.30
C VAL A 62 5.46 17.15 14.14
N ALA A 63 4.92 17.57 15.28
CA ALA A 63 3.90 18.61 15.31
C ALA A 63 4.44 19.94 14.79
N ASP A 64 5.64 20.33 15.24
CA ASP A 64 6.23 21.58 14.79
C ASP A 64 6.48 21.58 13.29
N ALA A 65 6.84 20.41 12.77
CA ALA A 65 7.09 20.25 11.36
C ALA A 65 5.78 20.45 10.61
N LEU A 66 4.70 19.89 11.13
CA LEU A 66 3.38 20.03 10.50
C LEU A 66 2.86 21.46 10.56
N THR A 67 3.15 22.16 11.66
CA THR A 67 2.73 23.54 11.83
C THR A 67 3.40 24.37 10.74
N ASN A 68 4.66 24.04 10.46
CA ASN A 68 5.45 24.71 9.43
C ASN A 68 4.77 24.43 8.10
N ALA A 69 4.39 23.17 7.88
CA ALA A 69 3.72 22.80 6.64
C ALA A 69 2.44 23.60 6.43
N VAL A 70 1.59 23.63 7.47
CA VAL A 70 0.32 24.36 7.41
C VAL A 70 0.52 25.81 6.98
N ALA A 71 1.45 26.48 7.65
CA ALA A 71 1.76 27.88 7.37
C ALA A 71 2.33 28.08 5.97
N HIS A 72 2.97 27.04 5.44
CA HIS A 72 3.57 27.14 4.11
C HIS A 72 2.93 26.16 3.14
N VAL A 73 1.63 25.96 3.32
CA VAL A 73 0.87 25.04 2.49
C VAL A 73 0.90 25.39 1.00
N ASP A 74 1.22 26.65 0.68
CA ASP A 74 1.28 27.10 -0.71
C ASP A 74 2.50 26.53 -1.43
N ASP A 75 3.58 26.31 -0.68
CA ASP A 75 4.80 25.75 -1.26
C ASP A 75 5.51 24.85 -0.26
N MET A 76 4.87 23.74 0.08
CA MET A 76 5.45 22.80 1.03
C MET A 76 6.76 22.17 0.58
N PRO A 77 6.91 21.89 -0.73
CA PRO A 77 8.16 21.29 -1.18
C PRO A 77 9.39 22.06 -0.70
N ASN A 78 9.32 23.39 -0.71
CA ASN A 78 10.47 24.16 -0.26
C ASN A 78 10.46 24.38 1.23
N ALA A 79 9.28 24.49 1.82
CA ALA A 79 9.19 24.69 3.25
C ALA A 79 9.71 23.45 3.99
N LEU A 80 9.56 22.29 3.35
CA LEU A 80 10.00 21.02 3.94
C LEU A 80 11.23 20.43 3.25
N SER A 81 11.90 21.23 2.43
CA SER A 81 13.07 20.76 1.69
C SER A 81 14.16 20.10 2.53
N ALA A 82 14.49 20.68 3.69
CA ALA A 82 15.51 20.10 4.53
C ALA A 82 15.01 18.81 5.17
N LEU A 83 13.72 18.76 5.50
CA LEU A 83 13.15 17.57 6.12
C LEU A 83 13.03 16.43 5.10
N SER A 84 12.75 16.76 3.84
CA SER A 84 12.64 15.72 2.84
C SER A 84 14.02 15.11 2.57
N ASP A 85 15.07 15.92 2.66
CA ASP A 85 16.45 15.43 2.48
C ASP A 85 16.77 14.44 3.60
N LEU A 86 16.33 14.77 4.82
CA LEU A 86 16.61 13.91 5.96
C LEU A 86 15.95 12.54 5.81
N HIS A 87 14.65 12.50 5.53
CA HIS A 87 13.95 11.23 5.34
C HIS A 87 14.52 10.43 4.16
N ALA A 88 14.81 11.12 3.07
CA ALA A 88 15.32 10.43 1.90
C ALA A 88 16.74 9.89 2.06
N HIS A 89 17.62 10.63 2.74
CA HIS A 89 18.99 10.18 2.87
C HIS A 89 19.43 9.52 4.18
N LYS A 90 18.70 9.75 5.26
CA LYS A 90 19.06 9.16 6.55
C LYS A 90 17.99 8.26 7.19
N LEU A 91 16.79 8.81 7.42
CA LEU A 91 15.73 8.04 8.06
C LEU A 91 15.30 6.89 7.16
N ARG A 92 15.05 7.19 5.90
CA ARG A 92 14.67 6.17 4.91
C ARG A 92 13.54 5.23 5.37
N VAL A 93 12.52 5.82 5.97
CA VAL A 93 11.35 5.08 6.44
C VAL A 93 10.63 4.57 5.19
N ASP A 94 10.29 3.28 5.14
CA ASP A 94 9.57 2.76 3.98
C ASP A 94 8.26 3.54 3.80
N PRO A 95 7.94 3.93 2.55
CA PRO A 95 6.74 4.69 2.21
C PRO A 95 5.39 4.27 2.83
N VAL A 96 5.16 2.98 3.01
CA VAL A 96 3.88 2.54 3.58
C VAL A 96 3.61 3.09 4.98
N ASN A 97 4.66 3.30 5.75
CA ASN A 97 4.46 3.77 7.11
C ASN A 97 3.88 5.17 7.23
N PHE A 98 3.98 5.98 6.18
CA PHE A 98 3.45 7.33 6.27
C PHE A 98 1.94 7.31 6.34
N LYS A 99 1.31 6.37 5.63
CA LYS A 99 -0.14 6.24 5.65
C LYS A 99 -0.59 5.82 7.03
N LEU A 100 0.28 5.09 7.74
CA LEU A 100 -0.01 4.62 9.07
C LEU A 100 0.02 5.79 10.08
N LEU A 101 1.02 6.65 9.98
CA LEU A 101 1.06 7.79 10.90
C LEU A 101 -0.06 8.78 10.55
N SER A 102 -0.36 8.98 9.25
CA SER A 102 -1.40 9.93 8.86
C SER A 102 -2.75 9.51 9.42
N HIS A 103 -3.05 8.21 9.36
CA HIS A 103 -4.31 7.68 9.88
C HIS A 103 -4.39 7.94 11.39
N CYS A 104 -3.30 7.70 12.09
CA CYS A 104 -3.27 7.90 13.53
C CYS A 104 -3.37 9.39 13.89
N LEU A 105 -2.87 10.25 13.00
CA LEU A 105 -2.97 11.69 13.24
C LEU A 105 -4.46 12.07 13.06
N LEU A 106 -5.12 11.44 12.09
CA LEU A 106 -6.53 11.70 11.83
C LEU A 106 -7.35 11.26 13.03
N VAL A 107 -7.07 10.05 13.51
CA VAL A 107 -7.78 9.52 14.68
C VAL A 107 -7.60 10.45 15.87
N THR A 108 -6.37 10.89 16.10
CA THR A 108 -6.05 11.78 17.22
C THR A 108 -6.82 13.09 17.11
N LEU A 109 -6.77 13.71 15.94
CA LEU A 109 -7.49 14.96 15.74
C LEU A 109 -8.99 14.74 15.90
N ALA A 110 -9.50 13.62 15.39
CA ALA A 110 -10.94 13.34 15.54
C ALA A 110 -11.35 13.25 17.02
N ALA A 111 -10.56 12.54 17.81
CA ALA A 111 -10.87 12.37 19.23
C ALA A 111 -10.72 13.64 20.08
N HIS A 112 -10.13 14.68 19.50
CA HIS A 112 -9.94 15.93 20.23
C HIS A 112 -10.74 17.13 19.69
N LEU A 113 -11.20 17.06 18.44
CA LEU A 113 -11.96 18.16 17.83
C LEU A 113 -13.31 17.69 17.35
N PRO A 114 -14.23 17.40 18.29
CA PRO A 114 -15.55 16.94 17.87
C PRO A 114 -16.31 17.88 16.93
N ALA A 115 -16.20 19.18 17.18
CA ALA A 115 -16.91 20.14 16.33
C ALA A 115 -16.23 20.40 14.99
N GLU A 116 -14.92 20.52 14.98
CA GLU A 116 -14.17 20.80 13.76
C GLU A 116 -14.00 19.63 12.80
N PHE A 117 -14.00 18.41 13.34
CA PHE A 117 -13.78 17.23 12.50
C PHE A 117 -14.98 16.83 11.64
N THR A 118 -15.43 17.76 10.81
CA THR A 118 -16.56 17.50 9.91
C THR A 118 -16.07 16.66 8.75
N PRO A 119 -17.00 16.12 7.94
CA PRO A 119 -16.65 15.30 6.77
C PRO A 119 -15.68 16.02 5.82
N ALA A 120 -16.03 17.26 5.49
CA ALA A 120 -15.22 18.08 4.60
C ALA A 120 -13.85 18.35 5.21
N VAL A 121 -13.81 18.64 6.50
CA VAL A 121 -12.53 18.90 7.15
C VAL A 121 -11.71 17.61 7.18
N HIS A 122 -12.39 16.51 7.48
CA HIS A 122 -11.76 15.19 7.51
C HIS A 122 -11.06 14.95 6.16
N ALA A 123 -11.78 15.22 5.08
CA ALA A 123 -11.27 15.04 3.71
C ALA A 123 -10.07 15.94 3.39
N SER A 124 -10.12 17.20 3.81
CA SER A 124 -9.02 18.13 3.56
C SER A 124 -7.78 17.75 4.36
N LEU A 125 -8.00 17.30 5.61
CA LEU A 125 -6.91 16.89 6.48
C LEU A 125 -6.21 15.69 5.89
N ASP A 126 -7.00 14.72 5.41
CA ASP A 126 -6.46 13.50 4.82
C ASP A 126 -5.63 13.84 3.57
N LYS A 127 -6.14 14.73 2.72
CA LYS A 127 -5.40 15.13 1.52
C LYS A 127 -4.12 15.86 1.92
N PHE A 128 -4.24 16.69 2.95
CA PHE A 128 -3.09 17.44 3.44
C PHE A 128 -1.97 16.51 3.91
N LEU A 129 -2.31 15.54 4.75
CA LEU A 129 -1.31 14.61 5.26
C LEU A 129 -0.72 13.72 4.15
N ALA A 130 -1.54 13.36 3.16
CA ALA A 130 -1.06 12.55 2.05
C ALA A 130 -0.05 13.39 1.27
N SER A 131 -0.31 14.68 1.22
CA SER A 131 0.55 15.63 0.53
C SER A 131 1.90 15.79 1.23
N VAL A 132 1.88 15.99 2.54
CA VAL A 132 3.12 16.13 3.30
C VAL A 132 3.94 14.85 3.08
N SER A 133 3.26 13.71 3.16
CA SER A 133 3.90 12.40 2.97
C SER A 133 4.58 12.29 1.61
N THR A 134 3.88 12.74 0.58
CA THR A 134 4.42 12.71 -0.78
C THR A 134 5.68 13.55 -0.86
N VAL A 135 5.64 14.74 -0.27
CA VAL A 135 6.81 15.61 -0.27
C VAL A 135 7.96 14.94 0.47
N LEU A 136 7.67 14.38 1.64
CA LEU A 136 8.71 13.74 2.44
C LEU A 136 9.36 12.53 1.78
N THR A 137 8.70 11.96 0.77
CA THR A 137 9.27 10.80 0.08
C THR A 137 9.59 11.11 -1.39
N SER A 138 9.50 12.39 -1.75
CA SER A 138 9.75 12.83 -3.13
C SER A 138 11.20 12.65 -3.60
N LYS A 139 12.16 12.67 -2.67
CA LYS A 139 13.57 12.54 -3.01
C LYS A 139 14.16 11.14 -2.74
N TYR A 140 13.32 10.15 -2.50
CA TYR A 140 13.81 8.80 -2.21
C TYR A 140 14.70 8.12 -3.27
N ARG A 141 14.40 8.36 -4.55
CA ARG A 141 15.18 7.77 -5.65
C ARG A 141 14.91 8.52 -6.94
N HIS B 1 -3.69 -11.94 16.65
CA HIS B 1 -5.15 -11.92 16.94
C HIS B 1 -5.47 -11.12 18.19
N LEU B 2 -6.75 -11.10 18.55
CA LEU B 2 -7.21 -10.37 19.73
C LEU B 2 -6.99 -11.16 21.00
N THR B 3 -6.50 -10.47 22.03
CA THR B 3 -6.28 -11.11 23.31
C THR B 3 -7.60 -10.99 24.07
N PRO B 4 -7.82 -11.84 25.09
CA PRO B 4 -9.06 -11.80 25.87
C PRO B 4 -9.45 -10.37 26.29
N GLU B 5 -8.46 -9.63 26.79
CA GLU B 5 -8.69 -8.27 27.24
C GLU B 5 -9.07 -7.33 26.10
N GLU B 6 -8.64 -7.65 24.88
CA GLU B 6 -8.97 -6.81 23.74
C GLU B 6 -10.39 -7.07 23.31
N LYS B 7 -10.80 -8.33 23.35
CA LYS B 7 -12.15 -8.70 22.97
C LYS B 7 -13.10 -7.98 23.90
N SER B 8 -12.80 -8.02 25.19
CA SER B 8 -13.64 -7.35 26.19
C SER B 8 -13.73 -5.87 25.86
N ALA B 9 -12.58 -5.28 25.52
CA ALA B 9 -12.50 -3.87 25.19
C ALA B 9 -13.34 -3.54 23.96
N VAL B 10 -13.32 -4.43 22.98
CA VAL B 10 -14.09 -4.22 21.77
C VAL B 10 -15.59 -4.32 22.07
N THR B 11 -15.98 -5.39 22.76
CA THR B 11 -17.37 -5.64 23.10
C THR B 11 -18.04 -4.57 23.97
N ALA B 12 -17.31 -4.04 24.94
CA ALA B 12 -17.87 -3.03 25.82
C ALA B 12 -18.05 -1.68 25.13
N LEU B 13 -17.18 -1.36 24.18
CA LEU B 13 -17.32 -0.10 23.46
C LEU B 13 -18.46 -0.23 22.46
N TRP B 14 -18.48 -1.37 21.76
CA TRP B 14 -19.51 -1.59 20.76
C TRP B 14 -20.91 -1.60 21.36
N GLY B 15 -21.01 -2.06 22.60
CA GLY B 15 -22.30 -2.10 23.24
C GLY B 15 -22.90 -0.71 23.38
N LYS B 16 -22.09 0.33 23.25
CA LYS B 16 -22.60 1.69 23.38
C LYS B 16 -22.70 2.40 22.04
N VAL B 17 -22.60 1.62 20.97
CA VAL B 17 -22.66 2.18 19.64
C VAL B 17 -24.05 2.16 19.05
N ASN B 18 -24.44 3.28 18.47
CA ASN B 18 -25.72 3.40 17.77
C ASN B 18 -25.28 3.03 16.33
N VAL B 19 -25.45 1.76 16.00
CA VAL B 19 -25.05 1.23 14.71
C VAL B 19 -25.70 1.92 13.51
N ASP B 20 -26.96 2.34 13.68
CA ASP B 20 -27.66 3.01 12.60
C ASP B 20 -26.94 4.30 12.21
N GLU B 21 -26.68 5.15 13.20
CA GLU B 21 -26.01 6.42 12.99
C GLU B 21 -24.55 6.27 12.52
N VAL B 22 -23.77 5.49 13.25
CA VAL B 22 -22.38 5.27 12.92
C VAL B 22 -22.20 4.68 11.52
N GLY B 23 -23.10 3.79 11.13
CA GLY B 23 -23.01 3.21 9.78
C GLY B 23 -23.29 4.26 8.70
N GLY B 24 -24.31 5.10 8.92
CA GLY B 24 -24.63 6.13 7.94
C GLY B 24 -23.47 7.12 7.87
N GLU B 25 -22.96 7.42 9.04
CA GLU B 25 -21.84 8.34 9.19
C GLU B 25 -20.59 7.77 8.51
N ALA B 26 -20.27 6.50 8.77
CA ALA B 26 -19.07 5.91 8.19
C ALA B 26 -19.15 5.81 6.66
N LEU B 27 -20.26 5.30 6.13
CA LEU B 27 -20.42 5.18 4.67
C LEU B 27 -20.39 6.57 4.04
N GLY B 28 -21.02 7.53 4.71
CA GLY B 28 -21.01 8.89 4.19
C GLY B 28 -19.60 9.42 4.00
N ARG B 29 -18.79 9.37 5.06
CA ARG B 29 -17.41 9.86 4.99
C ARG B 29 -16.56 9.12 3.97
N LEU B 30 -16.80 7.84 3.80
CA LEU B 30 -16.05 7.07 2.83
C LEU B 30 -16.22 7.74 1.46
N LEU B 31 -17.46 8.11 1.15
CA LEU B 31 -17.81 8.75 -0.11
C LEU B 31 -17.32 10.19 -0.23
N VAL B 32 -17.15 10.87 0.89
CA VAL B 32 -16.66 12.24 0.86
C VAL B 32 -15.13 12.29 0.87
N VAL B 33 -14.51 11.48 1.72
CA VAL B 33 -13.05 11.45 1.84
C VAL B 33 -12.34 10.74 0.68
N TYR B 34 -12.96 9.69 0.14
CA TYR B 34 -12.40 8.94 -0.99
C TYR B 34 -13.51 8.91 -2.04
N PRO B 35 -13.78 10.06 -2.67
CA PRO B 35 -14.83 10.18 -3.68
C PRO B 35 -14.95 9.17 -4.80
N TRP B 36 -13.85 8.52 -5.18
CA TRP B 36 -13.93 7.53 -6.24
C TRP B 36 -14.76 6.30 -5.85
N THR B 37 -14.94 6.07 -4.54
CA THR B 37 -15.74 4.94 -4.08
C THR B 37 -17.21 5.09 -4.47
N GLN B 38 -17.59 6.32 -4.80
CA GLN B 38 -18.96 6.59 -5.22
C GLN B 38 -19.26 5.83 -6.51
N ARG B 39 -18.23 5.20 -7.09
CA ARG B 39 -18.42 4.45 -8.32
C ARG B 39 -19.46 3.35 -8.15
N PHE B 40 -19.58 2.82 -6.93
CA PHE B 40 -20.54 1.74 -6.67
C PHE B 40 -21.97 2.20 -6.34
N PHE B 41 -22.15 3.50 -6.14
CA PHE B 41 -23.47 4.02 -5.76
C PHE B 41 -24.05 5.13 -6.65
N GLU B 42 -23.94 4.97 -7.97
CA GLU B 42 -24.44 5.96 -8.91
C GLU B 42 -25.97 6.16 -8.79
N SER B 43 -26.70 5.09 -8.50
CA SER B 43 -28.16 5.15 -8.38
C SER B 43 -28.67 5.68 -7.05
N PHE B 44 -27.80 6.30 -6.26
CA PHE B 44 -28.21 6.84 -4.96
C PHE B 44 -28.67 8.30 -4.99
N GLY B 45 -28.47 8.96 -6.12
CA GLY B 45 -28.89 10.34 -6.24
C GLY B 45 -27.82 11.39 -6.11
N ASP B 46 -28.16 12.47 -5.43
CA ASP B 46 -27.25 13.59 -5.21
C ASP B 46 -26.08 13.20 -4.31
N LEU B 47 -24.86 13.33 -4.84
CA LEU B 47 -23.62 13.03 -4.11
C LEU B 47 -22.60 14.08 -4.56
N SER B 48 -23.11 15.23 -4.98
CA SER B 48 -22.28 16.32 -5.49
C SER B 48 -21.51 17.11 -4.45
N THR B 49 -21.97 17.04 -3.21
CA THR B 49 -21.32 17.78 -2.15
C THR B 49 -21.28 16.93 -0.89
N PRO B 50 -20.41 17.28 0.07
CA PRO B 50 -20.31 16.51 1.31
C PRO B 50 -21.68 16.47 2.00
N ASP B 51 -22.34 17.63 2.10
CA ASP B 51 -23.64 17.69 2.75
C ASP B 51 -24.68 16.83 2.03
N ALA B 52 -24.62 16.81 0.70
CA ALA B 52 -25.56 16.01 -0.09
C ALA B 52 -25.33 14.55 0.22
N VAL B 53 -24.05 14.16 0.25
CA VAL B 53 -23.71 12.78 0.54
C VAL B 53 -24.14 12.39 1.94
N MET B 54 -23.79 13.22 2.92
CA MET B 54 -24.10 12.91 4.31
C MET B 54 -25.60 12.87 4.63
N GLY B 55 -26.35 13.81 4.07
CA GLY B 55 -27.79 13.84 4.30
C GLY B 55 -28.55 12.99 3.31
N ASN B 56 -27.85 12.40 2.35
CA ASN B 56 -28.50 11.55 1.34
C ASN B 56 -29.12 10.34 2.06
N PRO B 57 -30.46 10.23 2.06
CA PRO B 57 -31.13 9.10 2.73
C PRO B 57 -30.72 7.71 2.25
N LYS B 58 -30.35 7.59 0.99
CA LYS B 58 -29.95 6.30 0.46
C LYS B 58 -28.58 5.88 1.01
N VAL B 59 -27.73 6.88 1.28
CA VAL B 59 -26.40 6.65 1.84
C VAL B 59 -26.57 6.21 3.30
N LYS B 60 -27.37 6.95 4.05
CA LYS B 60 -27.61 6.62 5.46
C LYS B 60 -28.26 5.24 5.61
N ALA B 61 -29.22 4.92 4.75
CA ALA B 61 -29.91 3.63 4.82
C ALA B 61 -28.95 2.48 4.52
N HIS B 62 -28.12 2.66 3.50
CA HIS B 62 -27.17 1.63 3.14
C HIS B 62 -26.12 1.47 4.24
N GLY B 63 -25.62 2.60 4.75
CA GLY B 63 -24.63 2.56 5.81
C GLY B 63 -25.14 1.79 7.01
N LYS B 64 -26.39 2.02 7.38
CA LYS B 64 -27.03 1.34 8.51
C LYS B 64 -26.96 -0.17 8.35
N LYS B 65 -27.33 -0.63 7.16
CA LYS B 65 -27.33 -2.06 6.83
C LYS B 65 -25.92 -2.68 6.88
N VAL B 66 -24.95 -2.04 6.22
CA VAL B 66 -23.59 -2.54 6.19
C VAL B 66 -23.01 -2.69 7.61
N LEU B 67 -23.09 -1.63 8.41
CA LEU B 67 -22.57 -1.71 9.77
C LEU B 67 -23.42 -2.66 10.63
N GLY B 68 -24.63 -2.94 10.18
CA GLY B 68 -25.50 -3.87 10.89
C GLY B 68 -24.94 -5.28 10.70
N ALA B 69 -24.42 -5.52 9.50
CA ALA B 69 -23.83 -6.81 9.17
C ALA B 69 -22.49 -6.85 9.90
N PHE B 70 -21.79 -5.72 9.91
CA PHE B 70 -20.52 -5.63 10.60
C PHE B 70 -20.74 -5.88 12.10
N SER B 71 -21.79 -5.28 12.66
CA SER B 71 -22.09 -5.42 14.08
C SER B 71 -22.32 -6.87 14.49
N ASP B 72 -23.09 -7.60 13.68
CA ASP B 72 -23.36 -9.01 13.95
C ASP B 72 -22.04 -9.78 13.94
N GLY B 73 -21.12 -9.34 13.07
CA GLY B 73 -19.84 -9.99 12.97
C GLY B 73 -19.02 -9.89 14.23
N LEU B 74 -19.22 -8.81 14.96
CA LEU B 74 -18.50 -8.58 16.21
C LEU B 74 -18.84 -9.59 17.31
N ALA B 75 -19.91 -10.35 17.12
CA ALA B 75 -20.32 -11.34 18.10
C ALA B 75 -19.62 -12.67 17.85
N HIS B 76 -19.03 -12.80 16.67
CA HIS B 76 -18.33 -14.03 16.29
C HIS B 76 -16.86 -13.72 15.97
N LEU B 77 -16.19 -12.98 16.85
CA LEU B 77 -14.80 -12.61 16.64
C LEU B 77 -13.85 -13.78 16.40
N ASP B 78 -14.26 -14.99 16.82
CA ASP B 78 -13.43 -16.18 16.65
C ASP B 78 -13.63 -16.87 15.31
N ASN B 79 -14.60 -16.40 14.53
CA ASN B 79 -14.84 -17.00 13.21
C ASN B 79 -15.39 -15.98 12.23
N LEU B 80 -14.60 -14.93 11.99
CA LEU B 80 -14.99 -13.88 11.08
C LEU B 80 -15.07 -14.41 9.64
N LYS B 81 -14.22 -15.37 9.32
CA LYS B 81 -14.21 -15.95 7.97
C LYS B 81 -15.53 -16.63 7.64
N GLY B 82 -15.94 -17.54 8.51
CA GLY B 82 -17.19 -18.24 8.27
C GLY B 82 -18.38 -17.30 8.29
N THR B 83 -18.40 -16.38 9.25
CA THR B 83 -19.52 -15.44 9.36
C THR B 83 -19.78 -14.61 8.10
N PHE B 84 -18.72 -14.08 7.48
CA PHE B 84 -18.89 -13.26 6.27
C PHE B 84 -18.70 -14.01 4.96
N ALA B 85 -18.64 -15.34 5.03
CA ALA B 85 -18.45 -16.13 3.82
C ALA B 85 -19.47 -15.79 2.72
N THR B 86 -20.73 -15.64 3.11
CA THR B 86 -21.80 -15.32 2.18
C THR B 86 -21.67 -13.90 1.60
N LEU B 87 -21.40 -12.93 2.46
CA LEU B 87 -21.25 -11.56 2.01
C LEU B 87 -20.01 -11.41 1.14
N SER B 88 -19.03 -12.28 1.36
CA SER B 88 -17.79 -12.29 0.60
C SER B 88 -18.06 -12.68 -0.86
N GLU B 89 -18.64 -13.86 -1.06
CA GLU B 89 -18.96 -14.32 -2.43
C GLU B 89 -19.83 -13.31 -3.15
N LEU B 90 -20.77 -12.70 -2.41
CA LEU B 90 -21.67 -11.71 -2.97
C LEU B 90 -20.94 -10.48 -3.49
N HIS B 91 -20.10 -9.87 -2.65
CA HIS B 91 -19.35 -8.68 -3.08
C HIS B 91 -18.41 -8.99 -4.26
N CYS B 92 -17.91 -10.22 -4.35
CA CYS B 92 -17.04 -10.59 -5.46
C CYS B 92 -17.83 -10.90 -6.73
N ASP B 93 -18.61 -11.98 -6.70
CA ASP B 93 -19.39 -12.41 -7.87
C ASP B 93 -20.50 -11.48 -8.36
N LYS B 94 -21.22 -10.83 -7.46
CA LYS B 94 -22.31 -9.97 -7.92
C LYS B 94 -22.05 -8.47 -7.91
N LEU B 95 -21.42 -7.99 -6.84
CA LEU B 95 -21.15 -6.57 -6.70
C LEU B 95 -19.83 -6.09 -7.31
N HIS B 96 -18.91 -7.03 -7.51
CA HIS B 96 -17.59 -6.73 -8.08
C HIS B 96 -16.89 -5.58 -7.35
N VAL B 97 -16.78 -5.72 -6.03
CA VAL B 97 -16.15 -4.71 -5.19
C VAL B 97 -14.72 -5.08 -4.84
N ASP B 98 -13.77 -4.25 -5.26
CA ASP B 98 -12.36 -4.48 -4.96
C ASP B 98 -12.26 -4.43 -3.43
N PRO B 99 -11.75 -5.51 -2.80
CA PRO B 99 -11.58 -5.63 -1.36
C PRO B 99 -10.82 -4.51 -0.68
N GLU B 100 -10.06 -3.75 -1.46
CA GLU B 100 -9.30 -2.65 -0.88
C GLU B 100 -10.28 -1.70 -0.22
N ASN B 101 -11.47 -1.59 -0.82
CA ASN B 101 -12.51 -0.73 -0.30
C ASN B 101 -12.88 -1.11 1.14
N PHE B 102 -12.81 -2.40 1.47
CA PHE B 102 -13.16 -2.81 2.83
C PHE B 102 -12.20 -2.18 3.81
N ARG B 103 -10.92 -2.12 3.43
CA ARG B 103 -9.93 -1.52 4.31
C ARG B 103 -10.16 -0.01 4.49
N LEU B 104 -10.54 0.68 3.41
CA LEU B 104 -10.80 2.12 3.49
C LEU B 104 -11.97 2.41 4.41
N LEU B 105 -13.03 1.61 4.31
CA LEU B 105 -14.20 1.79 5.17
C LEU B 105 -13.84 1.51 6.63
N GLY B 106 -12.94 0.56 6.84
CA GLY B 106 -12.50 0.22 8.19
C GLY B 106 -11.84 1.39 8.87
N ASN B 107 -10.93 2.06 8.17
CA ASN B 107 -10.24 3.21 8.74
C ASN B 107 -11.17 4.39 8.93
N VAL B 108 -12.11 4.57 8.00
CA VAL B 108 -13.07 5.64 8.13
C VAL B 108 -13.88 5.35 9.41
N LEU B 109 -14.29 4.09 9.55
CA LEU B 109 -15.05 3.66 10.73
C LEU B 109 -14.28 3.91 12.02
N VAL B 110 -12.96 3.68 11.99
CA VAL B 110 -12.13 3.89 13.16
C VAL B 110 -12.12 5.39 13.46
N CYS B 111 -12.08 6.20 12.41
CA CYS B 111 -12.11 7.65 12.59
C CYS B 111 -13.44 8.13 13.19
N VAL B 112 -14.53 7.50 12.77
CA VAL B 112 -15.85 7.86 13.29
C VAL B 112 -15.96 7.48 14.77
N LEU B 113 -15.52 6.27 15.12
CA LEU B 113 -15.56 5.83 16.51
C LEU B 113 -14.77 6.82 17.36
N ALA B 114 -13.60 7.23 16.86
CA ALA B 114 -12.77 8.20 17.58
C ALA B 114 -13.49 9.55 17.69
N HIS B 115 -14.13 9.97 16.61
CA HIS B 115 -14.84 11.24 16.63
C HIS B 115 -15.94 11.22 17.69
N HIS B 116 -16.70 10.14 17.70
CA HIS B 116 -17.81 9.98 18.63
C HIS B 116 -17.46 9.76 20.09
N PHE B 117 -16.52 8.87 20.37
CA PHE B 117 -16.17 8.59 21.76
C PHE B 117 -15.15 9.51 22.41
N GLY B 118 -14.46 10.31 21.61
CA GLY B 118 -13.47 11.21 22.18
C GLY B 118 -12.34 10.48 22.89
N LYS B 119 -11.97 10.99 24.06
CA LYS B 119 -10.88 10.42 24.85
C LYS B 119 -11.10 8.97 25.22
N GLU B 120 -12.35 8.52 25.19
CA GLU B 120 -12.63 7.13 25.54
C GLU B 120 -12.06 6.19 24.49
N PHE B 121 -11.83 6.69 23.27
CA PHE B 121 -11.25 5.86 22.22
C PHE B 121 -9.73 5.91 22.37
N THR B 122 -9.24 5.32 23.46
CA THR B 122 -7.83 5.28 23.80
C THR B 122 -6.94 4.56 22.79
N PRO B 123 -5.61 4.72 22.93
CA PRO B 123 -4.70 4.05 22.01
C PRO B 123 -4.88 2.53 22.05
N PRO B 124 -5.03 1.94 23.25
CA PRO B 124 -5.20 0.49 23.27
C PRO B 124 -6.54 0.05 22.67
N VAL B 125 -7.57 0.87 22.81
CA VAL B 125 -8.88 0.53 22.26
C VAL B 125 -8.80 0.58 20.74
N GLN B 126 -8.12 1.59 20.21
CA GLN B 126 -7.93 1.71 18.76
C GLN B 126 -7.18 0.49 18.23
N ALA B 127 -6.08 0.14 18.89
CA ALA B 127 -5.29 -1.00 18.46
C ALA B 127 -6.17 -2.24 18.30
N ALA B 128 -7.05 -2.48 19.29
CA ALA B 128 -7.96 -3.62 19.23
C ALA B 128 -8.94 -3.46 18.06
N TYR B 129 -9.45 -2.25 17.85
CA TYR B 129 -10.34 -2.04 16.74
C TYR B 129 -9.65 -2.11 15.37
N GLN B 130 -8.34 -1.84 15.33
CA GLN B 130 -7.61 -1.96 14.05
C GLN B 130 -7.58 -3.44 13.69
N LYS B 131 -7.43 -4.29 14.69
CA LYS B 131 -7.41 -5.72 14.45
C LYS B 131 -8.76 -6.20 13.93
N VAL B 132 -9.84 -5.67 14.49
CA VAL B 132 -11.17 -6.07 14.07
C VAL B 132 -11.43 -5.66 12.61
N VAL B 133 -11.29 -4.38 12.29
CA VAL B 133 -11.55 -3.96 10.91
C VAL B 133 -10.68 -4.71 9.89
N ALA B 134 -9.46 -5.05 10.27
CA ALA B 134 -8.56 -5.78 9.38
C ALA B 134 -9.07 -7.21 9.25
N GLY B 135 -9.54 -7.77 10.37
CA GLY B 135 -10.09 -9.13 10.36
C GLY B 135 -11.33 -9.25 9.51
N VAL B 136 -12.22 -8.26 9.62
CA VAL B 136 -13.46 -8.24 8.84
C VAL B 136 -13.13 -8.01 7.36
N ALA B 137 -12.20 -7.10 7.08
CA ALA B 137 -11.80 -6.83 5.70
C ALA B 137 -11.24 -8.11 5.06
N ASN B 138 -10.39 -8.82 5.80
CA ASN B 138 -9.79 -10.06 5.29
C ASN B 138 -10.86 -11.14 5.13
N ALA B 139 -11.83 -11.17 6.05
CA ALA B 139 -12.93 -12.12 5.97
C ALA B 139 -13.75 -11.85 4.71
N LEU B 140 -14.12 -10.58 4.48
CA LEU B 140 -14.89 -10.22 3.29
C LEU B 140 -14.14 -10.44 1.97
N ALA B 141 -12.82 -10.54 2.04
CA ALA B 141 -11.99 -10.76 0.86
C ALA B 141 -11.68 -12.24 0.62
N HIS B 142 -11.92 -13.05 1.65
CA HIS B 142 -11.59 -14.48 1.58
C HIS B 142 -12.19 -15.31 0.45
N LYS B 143 -13.42 -15.05 0.06
CA LYS B 143 -14.02 -15.86 -0.99
C LYS B 143 -13.78 -15.37 -2.41
N TYR B 144 -13.02 -14.29 -2.57
CA TYR B 144 -12.73 -13.76 -3.89
C TYR B 144 -11.88 -14.74 -4.68
N HIS B 145 -12.02 -14.72 -5.99
CA HIS B 145 -11.27 -15.65 -6.82
C HIS B 145 -11.23 -15.15 -8.24
N VAL C 1 10.93 12.00 -9.43
CA VAL C 1 11.40 12.76 -10.62
C VAL C 1 12.29 11.84 -11.45
N LEU C 2 12.11 11.88 -12.76
CA LEU C 2 12.92 11.06 -13.66
C LEU C 2 14.15 11.83 -14.13
N SER C 3 15.32 11.27 -13.85
CA SER C 3 16.61 11.85 -14.21
C SER C 3 16.92 11.64 -15.68
N PRO C 4 17.96 12.33 -16.19
CA PRO C 4 18.34 12.17 -17.59
C PRO C 4 18.61 10.68 -17.87
N ALA C 5 19.24 9.98 -16.93
CA ALA C 5 19.51 8.55 -17.11
C ALA C 5 18.22 7.73 -17.14
N ASP C 6 17.25 8.07 -16.28
CA ASP C 6 15.98 7.32 -16.27
C ASP C 6 15.34 7.41 -17.63
N LYS C 7 15.29 8.61 -18.18
CA LYS C 7 14.65 8.80 -19.47
C LYS C 7 15.38 8.04 -20.59
N THR C 8 16.71 8.09 -20.57
CA THR C 8 17.47 7.36 -21.58
C THR C 8 17.19 5.85 -21.46
N ASN C 9 17.13 5.38 -20.22
CA ASN C 9 16.88 3.96 -19.94
C ASN C 9 15.49 3.54 -20.40
N VAL C 10 14.43 4.25 -20.01
CA VAL C 10 13.11 3.80 -20.45
C VAL C 10 12.90 3.93 -21.97
N LYS C 11 13.47 4.96 -22.59
CA LYS C 11 13.31 5.10 -24.03
C LYS C 11 13.98 3.93 -24.74
N ALA C 12 15.15 3.56 -24.24
CA ALA C 12 15.91 2.45 -24.80
C ALA C 12 15.13 1.15 -24.64
N ALA C 13 14.62 0.90 -23.44
CA ALA C 13 13.87 -0.29 -23.15
C ALA C 13 12.58 -0.37 -23.98
N TRP C 14 11.77 0.68 -23.91
CA TRP C 14 10.50 0.70 -24.63
C TRP C 14 10.74 0.65 -26.14
N GLY C 15 11.84 1.23 -26.59
CA GLY C 15 12.17 1.21 -28.00
C GLY C 15 12.44 -0.21 -28.44
N LYS C 16 13.11 -0.98 -27.59
CA LYS C 16 13.41 -2.37 -27.88
C LYS C 16 12.08 -3.13 -27.92
N VAL C 17 11.15 -2.74 -27.07
CA VAL C 17 9.83 -3.37 -27.04
C VAL C 17 9.21 -3.18 -28.41
N GLY C 18 9.46 -2.01 -29.01
CA GLY C 18 8.94 -1.71 -30.33
C GLY C 18 7.53 -2.17 -30.65
N ALA C 19 7.40 -2.94 -31.72
CA ALA C 19 6.11 -3.45 -32.18
C ALA C 19 5.39 -4.49 -31.30
N HIS C 20 6.03 -4.92 -30.22
CA HIS C 20 5.44 -5.93 -29.32
C HIS C 20 4.72 -5.30 -28.13
N ALA C 21 4.74 -3.99 -28.06
CA ALA C 21 4.11 -3.29 -26.95
C ALA C 21 2.67 -3.75 -26.68
N GLY C 22 1.85 -3.80 -27.71
CA GLY C 22 0.48 -4.25 -27.51
C GLY C 22 0.43 -5.64 -26.91
N GLU C 23 1.26 -6.54 -27.45
CA GLU C 23 1.34 -7.92 -26.98
C GLU C 23 1.80 -7.97 -25.53
N TYR C 24 2.81 -7.18 -25.19
CA TYR C 24 3.30 -7.15 -23.83
C TYR C 24 2.24 -6.57 -22.91
N GLY C 25 1.45 -5.64 -23.41
CA GLY C 25 0.40 -5.05 -22.58
C GLY C 25 -0.59 -6.12 -22.18
N ALA C 26 -0.97 -6.94 -23.15
CA ALA C 26 -1.92 -8.02 -22.93
C ALA C 26 -1.34 -9.07 -21.97
N GLU C 27 -0.06 -9.38 -22.09
CA GLU C 27 0.59 -10.36 -21.22
C GLU C 27 0.67 -9.85 -19.78
N ALA C 28 0.89 -8.54 -19.62
CA ALA C 28 0.98 -7.94 -18.29
C ALA C 28 -0.38 -8.02 -17.61
N LEU C 29 -1.44 -7.76 -18.36
CA LEU C 29 -2.80 -7.83 -17.82
C LEU C 29 -3.13 -9.29 -17.44
N GLU C 30 -2.75 -10.24 -18.29
CA GLU C 30 -3.02 -11.66 -17.97
C GLU C 30 -2.27 -12.08 -16.72
N ARG C 31 -1.04 -11.56 -16.56
CA ARG C 31 -0.26 -11.89 -15.38
C ARG C 31 -0.93 -11.26 -14.17
N MET C 32 -1.44 -10.04 -14.34
CA MET C 32 -2.10 -9.37 -13.22
C MET C 32 -3.38 -10.07 -12.80
N PHE C 33 -4.17 -10.51 -13.78
CA PHE C 33 -5.41 -11.19 -13.43
C PHE C 33 -5.17 -12.50 -12.70
N LEU C 34 -4.08 -13.19 -13.06
CA LEU C 34 -3.73 -14.47 -12.45
C LEU C 34 -3.06 -14.36 -11.09
N SER C 35 -2.15 -13.40 -10.94
CA SER C 35 -1.46 -13.24 -9.69
C SER C 35 -2.25 -12.47 -8.62
N PHE C 36 -3.08 -11.54 -9.06
CA PHE C 36 -3.88 -10.74 -8.14
C PHE C 36 -5.33 -10.73 -8.63
N PRO C 37 -6.08 -11.81 -8.36
CA PRO C 37 -7.48 -11.94 -8.78
C PRO C 37 -8.42 -10.77 -8.46
N THR C 38 -8.13 -10.01 -7.41
CA THR C 38 -9.00 -8.89 -7.05
C THR C 38 -9.10 -7.84 -8.16
N THR C 39 -8.07 -7.77 -9.00
CA THR C 39 -8.05 -6.80 -10.10
C THR C 39 -9.13 -7.11 -11.14
N LYS C 40 -9.61 -8.35 -11.13
CA LYS C 40 -10.66 -8.78 -12.06
C LYS C 40 -12.00 -8.11 -11.78
N THR C 41 -12.16 -7.55 -10.57
CA THR C 41 -13.39 -6.87 -10.21
C THR C 41 -13.64 -5.63 -11.08
N TYR C 42 -12.61 -5.17 -11.77
CA TYR C 42 -12.75 -3.99 -12.62
C TYR C 42 -13.08 -4.36 -14.06
N PHE C 43 -13.03 -5.66 -14.36
CA PHE C 43 -13.34 -6.16 -15.69
C PHE C 43 -14.34 -7.31 -15.54
N PRO C 44 -15.47 -7.03 -14.86
CA PRO C 44 -16.52 -8.03 -14.62
C PRO C 44 -17.09 -8.73 -15.85
N HIS C 45 -17.31 -7.97 -16.90
CA HIS C 45 -17.91 -8.50 -18.12
C HIS C 45 -16.96 -8.84 -19.28
N PHE C 46 -15.66 -8.79 -19.01
CA PHE C 46 -14.67 -9.13 -20.02
C PHE C 46 -14.46 -10.62 -20.08
N ASP C 47 -14.04 -11.09 -21.25
CA ASP C 47 -13.68 -12.48 -21.42
C ASP C 47 -12.22 -12.39 -20.99
N LEU C 48 -11.87 -13.01 -19.86
CA LEU C 48 -10.50 -12.96 -19.37
C LEU C 48 -9.73 -14.26 -19.58
N SER C 49 -10.29 -15.16 -20.39
CA SER C 49 -9.63 -16.42 -20.69
C SER C 49 -8.36 -16.12 -21.43
N HIS C 50 -7.42 -17.05 -21.40
CA HIS C 50 -6.13 -16.87 -22.07
C HIS C 50 -6.28 -16.64 -23.56
N GLY C 51 -5.61 -15.61 -24.05
CA GLY C 51 -5.65 -15.31 -25.46
C GLY C 51 -6.94 -14.70 -25.97
N SER C 52 -7.85 -14.35 -25.06
CA SER C 52 -9.10 -13.75 -25.52
C SER C 52 -8.79 -12.46 -26.27
N ALA C 53 -9.67 -12.10 -27.19
CA ALA C 53 -9.51 -10.90 -28.02
C ALA C 53 -9.67 -9.59 -27.25
N GLN C 54 -10.54 -9.58 -26.23
CA GLN C 54 -10.75 -8.36 -25.43
C GLN C 54 -9.50 -7.97 -24.66
N VAL C 55 -8.84 -8.97 -24.08
CA VAL C 55 -7.62 -8.72 -23.34
C VAL C 55 -6.52 -8.28 -24.29
N LYS C 56 -6.52 -8.81 -25.51
CA LYS C 56 -5.48 -8.40 -26.48
C LYS C 56 -5.79 -6.98 -26.90
N GLY C 57 -7.07 -6.71 -27.11
CA GLY C 57 -7.50 -5.38 -27.51
C GLY C 57 -7.21 -4.41 -26.39
N HIS C 58 -7.38 -4.85 -25.15
CA HIS C 58 -7.11 -3.95 -24.05
C HIS C 58 -5.61 -3.76 -23.79
N GLY C 59 -4.80 -4.78 -24.06
CA GLY C 59 -3.37 -4.65 -23.87
C GLY C 59 -2.82 -3.58 -24.78
N LYS C 60 -3.41 -3.48 -25.97
CA LYS C 60 -3.03 -2.50 -26.97
C LYS C 60 -3.28 -1.09 -26.42
N LYS C 61 -4.45 -0.89 -25.84
CA LYS C 61 -4.82 0.39 -25.28
C LYS C 61 -3.86 0.87 -24.21
N VAL C 62 -3.51 -0.03 -23.31
CA VAL C 62 -2.59 0.26 -22.22
C VAL C 62 -1.21 0.57 -22.81
N ALA C 63 -0.78 -0.27 -23.76
CA ALA C 63 0.53 -0.07 -24.37
C ALA C 63 0.63 1.23 -25.14
N ASP C 64 -0.40 1.59 -25.92
CA ASP C 64 -0.36 2.85 -26.68
C ASP C 64 -0.23 4.04 -25.74
N ALA C 65 -0.89 3.98 -24.59
CA ALA C 65 -0.83 5.06 -23.61
C ALA C 65 0.57 5.14 -23.03
N LEU C 66 1.17 3.99 -22.74
CA LEU C 66 2.53 4.01 -22.22
C LEU C 66 3.48 4.53 -23.30
N THR C 67 3.29 4.09 -24.55
CA THR C 67 4.15 4.54 -25.64
C THR C 67 4.08 6.07 -25.76
N ASN C 68 2.88 6.62 -25.60
CA ASN C 68 2.66 8.05 -25.70
C ASN C 68 3.38 8.80 -24.57
N ALA C 69 3.37 8.21 -23.39
CA ALA C 69 4.02 8.82 -22.24
C ALA C 69 5.55 8.82 -22.45
N VAL C 70 6.08 7.76 -23.06
CA VAL C 70 7.52 7.68 -23.33
C VAL C 70 7.88 8.75 -24.36
N ALA C 71 7.03 8.89 -25.37
CA ALA C 71 7.22 9.90 -26.40
C ALA C 71 7.19 11.33 -25.84
N HIS C 72 6.49 11.52 -24.73
CA HIS C 72 6.37 12.84 -24.10
C HIS C 72 6.83 12.76 -22.66
N VAL C 73 7.91 12.02 -22.42
CA VAL C 73 8.43 11.81 -21.07
C VAL C 73 8.69 13.09 -20.29
N ASP C 74 8.85 14.22 -20.99
CA ASP C 74 9.11 15.50 -20.31
C ASP C 74 7.82 16.33 -20.11
N ASP C 75 6.67 15.77 -20.47
CA ASP C 75 5.40 16.47 -20.37
C ASP C 75 4.27 15.46 -20.14
N MET C 76 4.50 14.48 -19.27
CA MET C 76 3.51 13.44 -19.00
C MET C 76 2.20 13.90 -18.37
N PRO C 77 2.25 14.83 -17.41
CA PRO C 77 0.98 15.26 -16.81
C PRO C 77 0.01 15.77 -17.87
N ASN C 78 0.54 16.46 -18.88
CA ASN C 78 -0.27 17.01 -19.97
C ASN C 78 -0.63 15.96 -21.03
N ALA C 79 0.36 15.16 -21.45
CA ALA C 79 0.15 14.12 -22.45
C ALA C 79 -0.87 13.06 -21.97
N LEU C 80 -0.90 12.83 -20.67
CA LEU C 80 -1.82 11.85 -20.07
C LEU C 80 -3.05 12.48 -19.39
N SER C 81 -3.25 13.78 -19.60
CA SER C 81 -4.38 14.49 -18.98
C SER C 81 -5.74 13.90 -19.30
N ALA C 82 -6.00 13.66 -20.59
CA ALA C 82 -7.28 13.07 -20.97
C ALA C 82 -7.49 11.73 -20.30
N LEU C 83 -6.46 10.87 -20.28
CA LEU C 83 -6.57 9.54 -19.67
C LEU C 83 -6.73 9.65 -18.17
N SER C 84 -6.11 10.68 -17.61
CA SER C 84 -6.15 10.96 -16.19
C SER C 84 -7.55 11.43 -15.77
N ASP C 85 -8.26 12.11 -16.68
CA ASP C 85 -9.61 12.57 -16.37
C ASP C 85 -10.51 11.34 -16.29
N LEU C 86 -10.34 10.45 -17.27
CA LEU C 86 -11.11 9.22 -17.37
C LEU C 86 -10.94 8.32 -16.13
N HIS C 87 -9.70 8.18 -15.69
CA HIS C 87 -9.42 7.37 -14.52
C HIS C 87 -10.05 7.96 -13.25
N ALA C 88 -9.90 9.28 -13.06
CA ALA C 88 -10.45 9.93 -11.87
C ALA C 88 -11.99 10.09 -11.85
N HIS C 89 -12.58 10.34 -13.01
CA HIS C 89 -14.02 10.56 -13.08
C HIS C 89 -14.90 9.38 -13.46
N LYS C 90 -14.31 8.36 -14.08
CA LYS C 90 -15.11 7.19 -14.49
C LYS C 90 -14.61 5.84 -13.98
N LEU C 91 -13.41 5.43 -14.41
CA LEU C 91 -12.85 4.12 -14.00
C LEU C 91 -12.70 4.02 -12.48
N ARG C 92 -12.14 5.06 -11.88
CA ARG C 92 -11.97 5.12 -10.43
C ARG C 92 -11.41 3.85 -9.79
N VAL C 93 -10.40 3.26 -10.42
CA VAL C 93 -9.74 2.06 -9.92
C VAL C 93 -8.98 2.48 -8.66
N ASP C 94 -9.06 1.68 -7.60
CA ASP C 94 -8.35 2.02 -6.39
C ASP C 94 -6.82 2.09 -6.67
N PRO C 95 -6.14 3.12 -6.14
CA PRO C 95 -4.70 3.36 -6.29
C PRO C 95 -3.78 2.15 -6.10
N VAL C 96 -4.14 1.26 -5.17
CA VAL C 96 -3.29 0.10 -4.91
C VAL C 96 -3.11 -0.75 -6.16
N ASN C 97 -4.10 -0.77 -7.04
CA ASN C 97 -4.03 -1.60 -8.22
C ASN C 97 -3.01 -1.17 -9.26
N PHE C 98 -2.62 0.10 -9.23
CA PHE C 98 -1.61 0.57 -10.17
C PHE C 98 -0.27 -0.06 -9.85
N LYS C 99 0.00 -0.36 -8.58
CA LYS C 99 1.28 -0.97 -8.26
C LYS C 99 1.32 -2.42 -8.76
N LEU C 100 0.15 -3.06 -8.78
CA LEU C 100 0.02 -4.45 -9.24
C LEU C 100 0.29 -4.54 -10.74
N LEU C 101 -0.39 -3.69 -11.53
CA LEU C 101 -0.18 -3.68 -12.98
C LEU C 101 1.27 -3.32 -13.26
N SER C 102 1.80 -2.31 -12.55
CA SER C 102 3.18 -1.90 -12.76
C SER C 102 4.14 -3.07 -12.58
N HIS C 103 4.02 -3.77 -11.44
CA HIS C 103 4.85 -4.93 -11.15
C HIS C 103 4.71 -5.92 -12.31
N CYS C 104 3.49 -6.22 -12.73
CA CYS C 104 3.32 -7.17 -13.82
C CYS C 104 3.91 -6.71 -15.15
N LEU C 105 3.96 -5.40 -15.34
CA LEU C 105 4.55 -4.87 -16.58
C LEU C 105 6.07 -5.10 -16.48
N LEU C 106 6.62 -4.92 -15.28
CA LEU C 106 8.06 -5.14 -15.08
C LEU C 106 8.43 -6.60 -15.36
N VAL C 107 7.65 -7.52 -14.79
CA VAL C 107 7.86 -8.94 -14.97
C VAL C 107 7.87 -9.28 -16.47
N THR C 108 6.87 -8.79 -17.20
CA THR C 108 6.73 -9.01 -18.64
C THR C 108 7.98 -8.49 -19.39
N LEU C 109 8.36 -7.25 -19.11
CA LEU C 109 9.54 -6.69 -19.75
C LEU C 109 10.75 -7.56 -19.42
N ALA C 110 10.85 -8.00 -18.17
CA ALA C 110 11.97 -8.83 -17.73
C ALA C 110 12.05 -10.13 -18.53
N ALA C 111 10.90 -10.74 -18.79
CA ALA C 111 10.81 -11.98 -19.52
C ALA C 111 11.07 -11.86 -21.02
N HIS C 112 11.05 -10.62 -21.53
CA HIS C 112 11.27 -10.40 -22.96
C HIS C 112 12.54 -9.62 -23.29
N LEU C 113 13.12 -8.95 -22.28
CA LEU C 113 14.32 -8.14 -22.49
C LEU C 113 15.56 -8.62 -21.73
N PRO C 114 16.01 -9.85 -22.00
CA PRO C 114 17.20 -10.32 -21.26
C PRO C 114 18.39 -9.37 -21.28
N ALA C 115 18.72 -8.85 -22.47
CA ALA C 115 19.86 -7.96 -22.60
C ALA C 115 19.72 -6.60 -21.92
N GLU C 116 18.60 -5.92 -22.15
CA GLU C 116 18.43 -4.59 -21.61
C GLU C 116 17.88 -4.41 -20.19
N PHE C 117 17.27 -5.46 -19.62
CA PHE C 117 16.70 -5.37 -18.26
C PHE C 117 17.79 -5.42 -17.19
N THR C 118 18.71 -4.47 -17.24
CA THR C 118 19.79 -4.36 -16.26
C THR C 118 19.22 -3.81 -14.94
N PRO C 119 20.01 -3.83 -13.86
CA PRO C 119 19.46 -3.30 -12.60
C PRO C 119 19.12 -1.80 -12.73
N ALA C 120 19.95 -1.08 -13.48
CA ALA C 120 19.72 0.34 -13.69
C ALA C 120 18.45 0.60 -14.50
N VAL C 121 18.25 -0.19 -15.55
CA VAL C 121 17.07 -0.04 -16.40
C VAL C 121 15.81 -0.39 -15.63
N HIS C 122 15.92 -1.40 -14.76
CA HIS C 122 14.83 -1.87 -13.92
C HIS C 122 14.44 -0.76 -12.94
N ALA C 123 15.43 -0.10 -12.35
CA ALA C 123 15.15 1.01 -11.44
C ALA C 123 14.40 2.11 -12.20
N SER C 124 14.90 2.48 -13.38
CA SER C 124 14.28 3.51 -14.21
C SER C 124 12.86 3.18 -14.62
N LEU C 125 12.66 1.96 -15.12
CA LEU C 125 11.32 1.55 -15.53
C LEU C 125 10.34 1.58 -14.37
N ASP C 126 10.79 1.13 -13.19
CA ASP C 126 9.94 1.15 -12.01
C ASP C 126 9.56 2.59 -11.67
N LYS C 127 10.50 3.53 -11.75
CA LYS C 127 10.17 4.92 -11.47
C LYS C 127 9.21 5.46 -12.53
N PHE C 128 9.46 5.11 -13.79
CA PHE C 128 8.60 5.57 -14.88
C PHE C 128 7.17 5.08 -14.68
N LEU C 129 6.98 3.78 -14.45
CA LEU C 129 5.63 3.26 -14.21
C LEU C 129 4.99 3.90 -12.95
N ALA C 130 5.78 4.17 -11.91
CA ALA C 130 5.22 4.81 -10.70
C ALA C 130 4.78 6.23 -11.04
N SER C 131 5.53 6.89 -11.93
CA SER C 131 5.22 8.26 -12.34
C SER C 131 3.97 8.30 -13.20
N VAL C 132 3.81 7.31 -14.09
CA VAL C 132 2.62 7.29 -14.91
C VAL C 132 1.42 7.09 -13.99
N SER C 133 1.57 6.17 -13.03
CA SER C 133 0.50 5.88 -12.08
C SER C 133 0.11 7.11 -11.29
N THR C 134 1.12 7.84 -10.81
CA THR C 134 0.84 9.05 -10.04
C THR C 134 0.00 10.04 -10.81
N VAL C 135 0.31 10.21 -12.10
CA VAL C 135 -0.43 11.14 -12.94
C VAL C 135 -1.88 10.67 -13.09
N LEU C 136 -2.03 9.38 -13.37
CA LEU C 136 -3.35 8.80 -13.54
C LEU C 136 -4.26 8.86 -12.30
N THR C 137 -3.69 9.08 -11.13
CA THR C 137 -4.52 9.16 -9.94
C THR C 137 -4.42 10.53 -9.26
N SER C 138 -3.83 11.49 -9.98
CA SER C 138 -3.63 12.83 -9.45
C SER C 138 -4.88 13.70 -9.38
N LYS C 139 -5.95 13.27 -10.03
CA LYS C 139 -7.18 14.06 -10.01
C LYS C 139 -8.29 13.34 -9.27
N TYR C 140 -7.95 12.31 -8.50
CA TYR C 140 -8.94 11.55 -7.77
C TYR C 140 -9.72 12.38 -6.76
N ARG C 141 -9.07 13.37 -6.16
CA ARG C 141 -9.71 14.23 -5.18
C ARG C 141 -8.94 15.52 -4.91
N HIS D 1 -3.69 -20.00 -1.07
CA HIS D 1 -2.71 -21.09 -0.81
C HIS D 1 -2.41 -21.82 -2.12
N LEU D 2 -1.26 -22.51 -2.16
CA LEU D 2 -0.85 -23.25 -3.34
C LEU D 2 -1.64 -24.53 -3.56
N THR D 3 -1.94 -24.80 -4.82
CA THR D 3 -2.65 -26.02 -5.16
C THR D 3 -1.55 -27.07 -5.43
N PRO D 4 -1.91 -28.36 -5.42
CA PRO D 4 -0.91 -29.40 -5.68
C PRO D 4 -0.19 -29.17 -7.01
N GLU D 5 -0.88 -28.51 -7.94
CA GLU D 5 -0.32 -28.22 -9.25
C GLU D 5 0.70 -27.09 -9.15
N GLU D 6 0.40 -26.09 -8.33
CA GLU D 6 1.28 -24.95 -8.14
C GLU D 6 2.55 -25.33 -7.40
N LYS D 7 2.42 -26.18 -6.37
CA LYS D 7 3.58 -26.63 -5.61
C LYS D 7 4.57 -27.35 -6.53
N SER D 8 4.04 -28.05 -7.53
CA SER D 8 4.85 -28.79 -8.48
C SER D 8 5.61 -27.86 -9.41
N ALA D 9 4.91 -26.84 -9.87
CA ALA D 9 5.49 -25.86 -10.77
C ALA D 9 6.59 -25.10 -10.02
N VAL D 10 6.31 -24.72 -8.77
CA VAL D 10 7.30 -24.01 -7.97
C VAL D 10 8.56 -24.85 -7.82
N THR D 11 8.41 -26.07 -7.34
CA THR D 11 9.54 -26.97 -7.15
C THR D 11 10.28 -27.29 -8.46
N ALA D 12 9.53 -27.54 -9.53
CA ALA D 12 10.13 -27.84 -10.82
C ALA D 12 11.01 -26.69 -11.32
N LEU D 13 10.49 -25.46 -11.26
CA LEU D 13 11.29 -24.31 -11.71
C LEU D 13 12.50 -24.11 -10.79
N TRP D 14 12.28 -24.19 -9.49
CA TRP D 14 13.34 -23.99 -8.51
C TRP D 14 14.51 -24.95 -8.68
N GLY D 15 14.24 -26.13 -9.24
CA GLY D 15 15.29 -27.11 -9.45
C GLY D 15 16.35 -26.67 -10.43
N LYS D 16 16.02 -25.69 -11.27
CA LYS D 16 16.95 -25.19 -12.26
C LYS D 16 17.63 -23.89 -11.82
N VAL D 17 17.23 -23.37 -10.66
CA VAL D 17 17.78 -22.13 -10.11
C VAL D 17 19.12 -22.27 -9.39
N ASN D 18 20.05 -21.36 -9.70
CA ASN D 18 21.35 -21.37 -9.03
C ASN D 18 21.09 -20.43 -7.86
N VAL D 19 20.83 -21.00 -6.69
CA VAL D 19 20.52 -20.20 -5.51
C VAL D 19 21.52 -19.10 -5.16
N ASP D 20 22.81 -19.41 -5.17
CA ASP D 20 23.83 -18.39 -4.86
C ASP D 20 23.79 -17.18 -5.79
N GLU D 21 23.69 -17.42 -7.08
CA GLU D 21 23.66 -16.34 -8.07
C GLU D 21 22.42 -15.47 -7.95
N VAL D 22 21.27 -16.11 -7.89
CA VAL D 22 20.01 -15.38 -7.79
C VAL D 22 19.92 -14.61 -6.48
N GLY D 23 20.52 -15.15 -5.43
CA GLY D 23 20.50 -14.49 -4.14
C GLY D 23 21.22 -13.16 -4.21
N GLY D 24 22.41 -13.16 -4.79
CA GLY D 24 23.19 -11.93 -4.94
C GLY D 24 22.53 -10.96 -5.90
N GLU D 25 21.94 -11.51 -6.96
CA GLU D 25 21.26 -10.71 -7.97
C GLU D 25 19.99 -10.04 -7.38
N ALA D 26 19.19 -10.81 -6.65
CA ALA D 26 17.97 -10.29 -6.00
C ALA D 26 18.25 -9.25 -4.90
N LEU D 27 19.18 -9.53 -3.99
CA LEU D 27 19.46 -8.55 -2.93
C LEU D 27 20.06 -7.31 -3.60
N GLY D 28 20.96 -7.53 -4.57
CA GLY D 28 21.57 -6.41 -5.26
C GLY D 28 20.55 -5.49 -5.92
N ARG D 29 19.58 -6.06 -6.61
CA ARG D 29 18.57 -5.23 -7.26
C ARG D 29 17.68 -4.51 -6.23
N LEU D 30 17.46 -5.12 -5.07
CA LEU D 30 16.65 -4.47 -4.03
C LEU D 30 17.33 -3.14 -3.68
N LEU D 31 18.64 -3.20 -3.42
CA LEU D 31 19.39 -2.00 -3.06
C LEU D 31 19.49 -0.95 -4.17
N VAL D 32 19.43 -1.40 -5.42
CA VAL D 32 19.49 -0.49 -6.58
C VAL D 32 18.13 0.16 -6.88
N VAL D 33 17.09 -0.67 -6.96
CA VAL D 33 15.75 -0.19 -7.28
C VAL D 33 15.05 0.56 -6.13
N TYR D 34 15.33 0.14 -4.91
CA TYR D 34 14.74 0.79 -3.73
C TYR D 34 15.93 1.15 -2.83
N PRO D 35 16.74 2.15 -3.26
CA PRO D 35 17.94 2.67 -2.60
C PRO D 35 17.88 2.87 -1.10
N TRP D 36 16.69 3.19 -0.59
CA TRP D 36 16.53 3.45 0.84
C TRP D 36 16.76 2.19 1.70
N THR D 37 16.60 1.02 1.09
CA THR D 37 16.81 -0.24 1.80
C THR D 37 18.29 -0.40 2.18
N GLN D 38 19.13 0.49 1.65
CA GLN D 38 20.56 0.45 1.94
C GLN D 38 20.84 0.79 3.41
N ARG D 39 19.83 1.39 4.06
CA ARG D 39 19.91 1.78 5.46
C ARG D 39 20.35 0.63 6.39
N PHE D 40 20.09 -0.61 5.96
CA PHE D 40 20.45 -1.79 6.76
C PHE D 40 21.85 -2.37 6.50
N PHE D 41 22.53 -1.85 5.50
CA PHE D 41 23.85 -2.35 5.16
C PHE D 41 24.95 -1.28 5.11
N GLU D 42 24.96 -0.40 6.10
CA GLU D 42 25.95 0.68 6.19
C GLU D 42 27.38 0.18 6.36
N SER D 43 27.54 -1.06 6.83
CA SER D 43 28.86 -1.64 7.03
C SER D 43 29.37 -2.42 5.82
N PHE D 44 28.56 -2.51 4.77
CA PHE D 44 28.93 -3.25 3.58
C PHE D 44 29.82 -2.49 2.60
N GLY D 45 30.09 -1.21 2.91
CA GLY D 45 30.94 -0.42 2.03
C GLY D 45 30.25 0.33 0.90
N ASP D 46 30.96 0.41 -0.23
CA ASP D 46 30.50 1.12 -1.43
C ASP D 46 29.20 0.58 -2.06
N LEU D 47 28.16 1.40 -2.03
CA LEU D 47 26.86 1.09 -2.62
C LEU D 47 26.40 2.32 -3.41
N SER D 48 27.37 3.12 -3.84
CA SER D 48 27.09 4.37 -4.56
C SER D 48 26.56 4.31 -5.99
N THR D 49 26.82 3.21 -6.70
CA THR D 49 26.33 3.09 -8.06
C THR D 49 25.72 1.70 -8.29
N PRO D 50 25.00 1.52 -9.40
CA PRO D 50 24.42 0.19 -9.62
C PRO D 50 25.48 -0.91 -9.59
N ASP D 51 26.61 -0.70 -10.29
CA ASP D 51 27.67 -1.69 -10.30
C ASP D 51 28.38 -1.81 -8.96
N ALA D 52 28.48 -0.71 -8.24
CA ALA D 52 29.14 -0.75 -6.94
C ALA D 52 28.30 -1.63 -6.00
N VAL D 53 26.99 -1.65 -6.20
CA VAL D 53 26.10 -2.47 -5.37
C VAL D 53 26.11 -3.93 -5.83
N MET D 54 25.80 -4.12 -7.12
CA MET D 54 25.72 -5.46 -7.70
C MET D 54 27.01 -6.29 -7.60
N GLY D 55 28.16 -5.61 -7.71
CA GLY D 55 29.44 -6.30 -7.64
C GLY D 55 30.05 -6.26 -6.25
N ASN D 56 29.34 -5.66 -5.30
CA ASN D 56 29.84 -5.58 -3.93
C ASN D 56 29.92 -7.00 -3.38
N PRO D 57 31.14 -7.47 -3.05
CA PRO D 57 31.33 -8.82 -2.52
C PRO D 57 30.50 -9.17 -1.29
N LYS D 58 30.33 -8.22 -0.38
CA LYS D 58 29.55 -8.46 0.82
C LYS D 58 28.05 -8.54 0.52
N VAL D 59 27.60 -7.86 -0.54
CA VAL D 59 26.20 -7.90 -0.95
C VAL D 59 25.98 -9.28 -1.57
N LYS D 60 26.91 -9.69 -2.42
CA LYS D 60 26.83 -10.99 -3.06
C LYS D 60 26.87 -12.13 -2.04
N ALA D 61 27.69 -11.97 -1.00
CA ALA D 61 27.80 -13.00 0.04
C ALA D 61 26.52 -13.08 0.85
N HIS D 62 25.92 -11.92 1.13
CA HIS D 62 24.70 -11.93 1.90
C HIS D 62 23.53 -12.49 1.11
N GLY D 63 23.54 -12.24 -0.21
CA GLY D 63 22.47 -12.75 -1.05
C GLY D 63 22.40 -14.26 -0.96
N LYS D 64 23.57 -14.91 -0.92
CA LYS D 64 23.63 -16.37 -0.81
C LYS D 64 22.92 -16.83 0.46
N LYS D 65 23.25 -16.17 1.56
CA LYS D 65 22.68 -16.45 2.86
C LYS D 65 21.13 -16.30 2.81
N VAL D 66 20.67 -15.20 2.25
CA VAL D 66 19.24 -14.92 2.15
C VAL D 66 18.45 -15.92 1.29
N LEU D 67 18.90 -16.17 0.06
CA LEU D 67 18.17 -17.10 -0.81
C LEU D 67 18.35 -18.55 -0.33
N GLY D 68 19.41 -18.78 0.43
CA GLY D 68 19.64 -20.10 0.98
C GLY D 68 18.54 -20.45 1.97
N ALA D 69 18.19 -19.49 2.83
CA ALA D 69 17.13 -19.70 3.81
C ALA D 69 15.78 -19.76 3.08
N PHE D 70 15.65 -18.96 2.02
CA PHE D 70 14.42 -18.94 1.21
C PHE D 70 14.26 -20.32 0.54
N SER D 71 15.37 -20.84 0.03
CA SER D 71 15.35 -22.15 -0.63
C SER D 71 14.84 -23.23 0.32
N ASP D 72 15.27 -23.18 1.56
CA ASP D 72 14.86 -24.14 2.59
C ASP D 72 13.36 -24.01 2.85
N GLY D 73 12.89 -22.77 2.90
CA GLY D 73 11.47 -22.55 3.13
C GLY D 73 10.65 -23.22 2.05
N LEU D 74 11.19 -23.28 0.83
CA LEU D 74 10.49 -23.90 -0.29
C LEU D 74 10.36 -25.40 -0.17
N ALA D 75 11.11 -25.97 0.76
CA ALA D 75 11.06 -27.41 1.02
C ALA D 75 10.05 -27.66 2.14
N HIS D 76 9.49 -26.59 2.68
CA HIS D 76 8.51 -26.69 3.76
C HIS D 76 7.31 -25.78 3.50
N LEU D 77 6.85 -25.75 2.26
CA LEU D 77 5.73 -24.90 1.89
C LEU D 77 4.51 -24.95 2.81
N ASP D 78 4.26 -26.09 3.43
CA ASP D 78 3.11 -26.23 4.32
C ASP D 78 3.33 -25.70 5.74
N ASN D 79 4.56 -25.33 6.06
CA ASN D 79 4.87 -24.80 7.39
C ASN D 79 5.89 -23.68 7.36
N LEU D 80 5.58 -22.61 6.62
CA LEU D 80 6.47 -21.47 6.49
C LEU D 80 6.62 -20.74 7.83
N LYS D 81 5.53 -20.64 8.58
CA LYS D 81 5.54 -19.96 9.86
C LYS D 81 6.63 -20.54 10.74
N GLY D 82 6.51 -21.83 11.03
CA GLY D 82 7.49 -22.47 11.87
C GLY D 82 8.88 -22.39 11.26
N THR D 83 8.98 -22.66 9.96
CA THR D 83 10.25 -22.64 9.24
C THR D 83 11.00 -21.33 9.43
N PHE D 84 10.29 -20.21 9.41
CA PHE D 84 10.94 -18.91 9.57
C PHE D 84 10.83 -18.29 10.96
N ALA D 85 10.26 -19.02 11.92
CA ALA D 85 10.09 -18.50 13.27
C ALA D 85 11.33 -17.82 13.90
N THR D 86 12.47 -18.52 13.90
CA THR D 86 13.66 -17.95 14.50
C THR D 86 14.25 -16.77 13.72
N LEU D 87 14.16 -16.81 12.39
CA LEU D 87 14.64 -15.71 11.56
C LEU D 87 13.71 -14.50 11.72
N SER D 88 12.41 -14.76 11.87
CA SER D 88 11.43 -13.69 12.06
C SER D 88 11.81 -12.91 13.33
N GLU D 89 12.04 -13.66 14.40
CA GLU D 89 12.41 -13.10 15.69
C GLU D 89 13.72 -12.30 15.61
N LEU D 90 14.69 -12.82 14.86
CA LEU D 90 15.97 -12.12 14.68
C LEU D 90 15.78 -10.78 13.95
N HIS D 91 15.09 -10.82 12.81
CA HIS D 91 14.89 -9.62 12.03
C HIS D 91 14.15 -8.55 12.82
N CYS D 92 13.22 -8.95 13.66
CA CYS D 92 12.51 -7.97 14.49
C CYS D 92 13.36 -7.51 15.69
N ASP D 93 13.64 -8.42 16.61
CA ASP D 93 14.38 -8.07 17.82
C ASP D 93 15.83 -7.61 17.67
N LYS D 94 16.55 -8.20 16.71
CA LYS D 94 17.95 -7.87 16.56
C LYS D 94 18.31 -6.96 15.40
N LEU D 95 17.68 -7.16 14.25
CA LEU D 95 18.02 -6.34 13.09
C LEU D 95 17.08 -5.14 12.87
N HIS D 96 15.91 -5.13 13.51
CA HIS D 96 14.96 -4.01 13.38
C HIS D 96 14.61 -3.68 11.94
N VAL D 97 14.31 -4.73 11.17
CA VAL D 97 13.95 -4.60 9.77
C VAL D 97 12.43 -4.53 9.58
N ASP D 98 11.95 -3.43 8.99
CA ASP D 98 10.52 -3.27 8.72
C ASP D 98 10.12 -4.46 7.83
N PRO D 99 9.08 -5.22 8.21
CA PRO D 99 8.64 -6.37 7.40
C PRO D 99 8.26 -6.02 5.97
N GLU D 100 7.94 -4.75 5.73
CA GLU D 100 7.57 -4.33 4.37
C GLU D 100 8.71 -4.61 3.39
N ASN D 101 9.94 -4.62 3.89
CA ASN D 101 11.10 -4.90 3.05
C ASN D 101 11.07 -6.32 2.49
N PHE D 102 10.56 -7.26 3.28
CA PHE D 102 10.51 -8.65 2.81
C PHE D 102 9.60 -8.73 1.58
N ARG D 103 8.57 -7.90 1.53
CA ARG D 103 7.65 -7.88 0.39
C ARG D 103 8.33 -7.30 -0.85
N LEU D 104 9.14 -6.27 -0.64
CA LEU D 104 9.87 -5.66 -1.74
C LEU D 104 10.85 -6.67 -2.32
N LEU D 105 11.63 -7.33 -1.47
CA LEU D 105 12.59 -8.33 -1.95
C LEU D 105 11.84 -9.43 -2.71
N GLY D 106 10.63 -9.75 -2.23
CA GLY D 106 9.82 -10.76 -2.88
C GLY D 106 9.54 -10.42 -4.33
N ASN D 107 9.06 -9.20 -4.57
CA ASN D 107 8.75 -8.79 -5.92
C ASN D 107 9.98 -8.60 -6.79
N VAL D 108 11.11 -8.27 -6.17
CA VAL D 108 12.34 -8.13 -6.93
C VAL D 108 12.78 -9.52 -7.37
N LEU D 109 12.62 -10.49 -6.47
CA LEU D 109 12.98 -11.86 -6.77
C LEU D 109 12.13 -12.35 -7.94
N VAL D 110 10.84 -12.00 -7.93
CA VAL D 110 9.96 -12.41 -9.02
C VAL D 110 10.47 -11.84 -10.35
N CYS D 111 10.92 -10.57 -10.33
CA CYS D 111 11.45 -9.96 -11.54
C CYS D 111 12.73 -10.64 -11.98
N VAL D 112 13.51 -11.14 -11.02
CA VAL D 112 14.77 -11.81 -11.33
C VAL D 112 14.52 -13.19 -11.92
N LEU D 113 13.55 -13.93 -11.39
CA LEU D 113 13.24 -15.24 -11.94
C LEU D 113 12.76 -15.06 -13.38
N ALA D 114 11.94 -14.03 -13.58
CA ALA D 114 11.42 -13.72 -14.92
C ALA D 114 12.58 -13.38 -15.87
N HIS D 115 13.52 -12.54 -15.41
CA HIS D 115 14.65 -12.13 -16.23
C HIS D 115 15.50 -13.32 -16.66
N HIS D 116 15.69 -14.27 -15.75
CA HIS D 116 16.50 -15.44 -16.01
C HIS D 116 15.79 -16.52 -16.85
N PHE D 117 14.55 -16.82 -16.52
CA PHE D 117 13.81 -17.87 -17.23
C PHE D 117 13.06 -17.49 -18.50
N GLY D 118 12.95 -16.19 -18.75
CA GLY D 118 12.26 -15.76 -19.94
C GLY D 118 10.86 -16.32 -20.03
N LYS D 119 10.49 -16.77 -21.22
CA LYS D 119 9.15 -17.30 -21.47
C LYS D 119 8.74 -18.44 -20.52
N GLU D 120 9.71 -19.17 -20.00
CA GLU D 120 9.43 -20.28 -19.10
C GLU D 120 8.75 -19.76 -17.82
N PHE D 121 8.89 -18.46 -17.54
CA PHE D 121 8.25 -17.91 -16.36
C PHE D 121 6.85 -17.45 -16.81
N THR D 122 6.00 -18.42 -17.11
CA THR D 122 4.65 -18.18 -17.58
C THR D 122 3.77 -17.46 -16.59
N PRO D 123 2.67 -16.87 -17.07
CA PRO D 123 1.77 -16.17 -16.14
C PRO D 123 1.38 -17.05 -14.96
N PRO D 124 1.05 -18.34 -15.21
CA PRO D 124 0.67 -19.23 -14.11
C PRO D 124 1.84 -19.56 -13.16
N VAL D 125 3.06 -19.62 -13.69
CA VAL D 125 4.21 -19.91 -12.84
C VAL D 125 4.43 -18.72 -11.92
N GLN D 126 4.27 -17.51 -12.47
CA GLN D 126 4.41 -16.28 -11.67
C GLN D 126 3.39 -16.23 -10.53
N ALA D 127 2.15 -16.60 -10.83
CA ALA D 127 1.06 -16.56 -9.84
C ALA D 127 1.39 -17.47 -8.66
N ALA D 128 1.96 -18.64 -8.93
CA ALA D 128 2.34 -19.58 -7.88
C ALA D 128 3.45 -18.94 -7.06
N TYR D 129 4.42 -18.34 -7.73
CA TYR D 129 5.52 -17.70 -7.01
C TYR D 129 5.11 -16.45 -6.22
N GLN D 130 4.06 -15.76 -6.64
CA GLN D 130 3.62 -14.59 -5.89
C GLN D 130 3.08 -15.08 -4.54
N LYS D 131 2.44 -16.25 -4.56
CA LYS D 131 1.90 -16.83 -3.34
C LYS D 131 3.05 -17.24 -2.42
N VAL D 132 4.10 -17.79 -3.02
CA VAL D 132 5.27 -18.21 -2.25
C VAL D 132 5.95 -17.00 -1.61
N VAL D 133 6.29 -15.98 -2.38
CA VAL D 133 6.94 -14.83 -1.79
C VAL D 133 6.05 -14.12 -0.76
N ALA D 134 4.74 -14.13 -0.97
CA ALA D 134 3.80 -13.52 -0.01
C ALA D 134 3.83 -14.38 1.28
N GLY D 135 3.73 -15.69 1.13
CA GLY D 135 3.77 -16.56 2.30
C GLY D 135 5.07 -16.44 3.09
N VAL D 136 6.20 -16.30 2.39
CA VAL D 136 7.51 -16.16 3.03
C VAL D 136 7.58 -14.84 3.78
N ALA D 137 7.11 -13.77 3.15
CA ALA D 137 7.10 -12.46 3.81
C ALA D 137 6.23 -12.53 5.07
N ASN D 138 5.04 -13.11 4.96
CA ASN D 138 4.16 -13.23 6.10
C ASN D 138 4.81 -14.04 7.25
N ALA D 139 5.49 -15.12 6.89
CA ALA D 139 6.15 -15.98 7.87
C ALA D 139 7.27 -15.21 8.61
N LEU D 140 8.05 -14.42 7.86
CA LEU D 140 9.13 -13.63 8.46
C LEU D 140 8.61 -12.46 9.32
N ALA D 141 7.37 -12.05 9.07
CA ALA D 141 6.79 -10.95 9.82
C ALA D 141 6.00 -11.42 11.04
N HIS D 142 5.65 -12.69 11.05
CA HIS D 142 4.82 -13.28 12.11
C HIS D 142 5.25 -13.14 13.57
N LYS D 143 6.54 -13.13 13.86
CA LYS D 143 6.96 -13.01 15.25
C LYS D 143 7.23 -11.57 15.68
N TYR D 144 6.92 -10.60 14.82
CA TYR D 144 7.12 -9.20 15.16
C TYR D 144 6.16 -8.81 16.28
N HIS D 145 6.58 -7.86 17.11
CA HIS D 145 5.77 -7.43 18.25
C HIS D 145 6.17 -6.01 18.64
N NO E . 8.56 11.15 12.73
O NO E . 7.72 10.53 13.19
CHA HEM F . 12.52 12.10 12.74
CHB HEM F . 8.66 14.59 11.11
CHC HEM F . 6.82 10.39 9.43
CHD HEM F . 10.33 7.95 11.74
C1A HEM F . 11.64 13.16 12.41
C2A HEM F . 11.87 14.56 12.74
C3A HEM F . 10.80 15.27 12.30
C4A HEM F . 9.89 14.29 11.71
CMA HEM F . 10.57 16.80 12.45
CAA HEM F . 13.07 15.13 13.49
CBA HEM F . 14.21 15.43 12.54
CGA HEM F . 15.27 16.34 13.14
O1A HEM F . 15.89 15.97 14.17
O2A HEM F . 15.48 17.45 12.59
C1B HEM F . 7.86 13.66 10.43
C2B HEM F . 6.66 14.01 9.70
C3B HEM F . 6.12 12.83 9.24
C4B HEM F . 7.02 11.76 9.68
CMB HEM F . 6.13 15.42 9.51
CAB HEM F . 4.90 12.64 8.60
CBB HEM F . 3.71 13.44 8.85
C1C HEM F . 7.59 9.36 9.94
C2C HEM F . 7.23 7.95 9.87
C3C HEM F . 8.15 7.26 10.59
C4C HEM F . 9.11 8.24 11.08
CMC HEM F . 6.03 7.42 9.09
CAC HEM F . 8.21 5.90 10.83
CBC HEM F . 7.08 5.08 11.13
C1D HEM F . 11.25 8.87 12.17
C2D HEM F . 12.51 8.53 12.82
C3D HEM F . 13.13 9.71 13.10
C4D HEM F . 12.26 10.76 12.63
CMD HEM F . 13.00 7.15 13.25
CAD HEM F . 14.41 9.89 13.92
CBD HEM F . 14.14 9.48 15.35
CGD HEM F . 15.34 9.61 16.25
O1D HEM F . 15.50 10.68 16.88
O2D HEM F . 16.13 8.66 16.33
NA HEM F . 10.39 13.01 11.85
NB HEM F . 8.06 12.29 10.40
NC HEM F . 8.72 9.51 10.72
ND HEM F . 11.09 10.24 12.08
FE HEM F . 9.48 11.29 11.42
C1 5JN G . -3.90 2.99 8.04
C6 5JN G . -3.05 1.90 5.90
C5 5JN G . -3.82 2.92 6.52
C4 5JN G . -4.54 3.86 5.73
C3 5JN G . -4.48 3.79 4.30
C2 5JN G . -2.16 0.73 3.82
C13 5JN G . -5.53 6.77 0.59
C21 5JN G . -6.38 9.84 -4.14
C20 5JN G . -4.94 9.27 -4.19
C18 5JN G . -5.58 5.84 -0.49
C17 5JN G . -5.35 6.26 -1.83
O30 5JN G . -0.06 14.20 -2.03
C7 5JN G . -2.98 1.82 4.48
C8 5JN G . -3.70 2.76 3.69
N9 5JN G . -5.20 4.71 3.57
C10 5JN G . -4.79 5.45 2.58
O11 5JN G . -3.65 5.44 2.13
C12 5JN G . -5.78 6.31 2.03
C14 5JN G . -5.24 8.14 0.32
C15 5JN G . -4.99 8.57 -1.05
C16 5JN G . -5.04 7.64 -2.13
O19 5JN G . -4.82 7.96 -3.51
C22 5JN G . -4.62 8.90 -5.64
C23 5JN G . -3.93 10.34 -3.78
O24 5JN G . -3.97 11.48 -4.30
O25 5JN G . -3.02 10.01 -2.86
C26 5JN G . -1.67 10.39 -3.22
C27 5JN G . -1.31 11.72 -2.53
O28 5JN G . 0.02 12.10 -2.90
N29 5JN G . 0.11 13.49 -3.00
O31 5JN G . 0.37 14.01 -4.08
C1 RQ3 H . 7.34 6.41 -4.67
O2 RQ3 H . 7.57 6.91 -5.80
O3 RQ3 H . 6.16 6.33 -4.19
C4 RQ3 H . 8.50 5.84 -3.82
C5 RQ3 H . 8.67 6.79 -2.62
C6 RQ3 H . 9.88 5.80 -4.56
O7 RQ3 H . 8.11 4.52 -3.23
C8 RQ3 H . 7.83 3.31 -3.82
C9 RQ3 H . 7.48 3.10 -5.25
C10 RQ3 H . 7.21 1.77 -5.77
C11 RQ3 H . 7.30 0.68 -4.88
C12 RQ3 H . 7.91 2.20 -2.93
C13 RQ3 H . 7.66 0.92 -3.37
C14 RQ3 H . 7.05 -0.68 -5.30
C15 RQ3 H . 5.79 -1.19 -4.89
O16 RQ3 H . 4.97 -0.51 -4.23
N17 RQ3 H . 5.54 -2.46 -5.27
C18 RQ3 H . 4.41 -3.29 -5.03
C19 RQ3 H . 4.22 -4.39 -5.91
C20 RQ3 H . 3.13 -5.26 -5.73
C21 RQ3 H . 2.19 -5.06 -4.65
C22 RQ3 H . 3.47 -3.08 -3.93
C23 RQ3 H . 2.37 -3.96 -3.75
C24 RQ3 H . 2.96 -6.41 -6.69
C25 RQ3 H . 1.42 -3.72 -2.61
CHA HEM I . -24.39 -4.38 -0.20
CHB HEM I . -22.16 -5.45 3.96
CHC HEM I . -18.35 -2.81 2.61
CHD HEM I . -20.43 -1.95 -1.70
C1A HEM I . -24.11 -4.89 1.08
C2A HEM I . -25.07 -5.58 1.92
C3A HEM I . -24.46 -5.84 3.11
C4A HEM I . -23.12 -5.30 2.98
CMA HEM I . -25.04 -6.58 4.35
CAA HEM I . -26.48 -6.00 1.51
CBA HEM I . -26.37 -7.34 0.84
CGA HEM I . -27.70 -7.86 0.35
O1A HEM I . -28.40 -7.09 -0.35
O2A HEM I . -28.05 -9.03 0.65
C1B HEM I . -20.85 -4.98 3.88
C2B HEM I . -19.90 -5.07 4.96
C3B HEM I . -18.86 -4.27 4.61
C4B HEM I . -19.16 -3.70 3.30
CMB HEM I . -20.06 -5.94 6.20
CAB HEM I . -17.70 -4.06 5.36
CBB HEM I . -17.67 -3.27 6.56
C1C HEM I . -18.59 -2.28 1.33
C2C HEM I . -17.79 -1.25 0.69
C3C HEM I . -18.38 -1.00 -0.55
C4C HEM I . -19.53 -1.94 -0.64
CMC HEM I . -16.50 -0.67 1.26
CAC HEM I . -18.04 -0.07 -1.55
CBC HEM I . -17.32 1.17 -1.46
C1D HEM I . -21.70 -2.57 -1.68
C2D HEM I . -22.72 -2.34 -2.69
C3D HEM I . -23.85 -2.99 -2.25
C4D HEM I . -23.49 -3.63 -0.98
CMD HEM I . -22.54 -1.60 -4.01
CAD HEM I . -25.21 -3.04 -2.93
CBD HEM I . -25.78 -1.64 -2.99
CGD HEM I . -27.16 -1.59 -3.62
O1D HEM I . -27.57 -0.50 -4.06
O2D HEM I . -27.83 -2.64 -3.67
NA HEM I . -22.91 -4.74 1.75
NB HEM I . -20.36 -4.19 2.83
NC HEM I . -19.68 -2.66 0.52
ND HEM I . -22.18 -3.36 -0.66
FE HEM I . -21.18 -3.97 0.98
C1 RQ3 J . -3.75 10.20 -3.79
O2 RQ3 J . -2.78 9.77 -2.93
O3 RQ3 J . -3.69 11.27 -4.41
C4 RQ3 J . -4.98 9.28 -3.99
C5 RQ3 J . -4.90 8.76 -5.43
C6 RQ3 J . -6.30 10.08 -3.83
O7 RQ3 J . -5.00 7.99 -3.22
C8 RQ3 J . -5.11 7.77 -1.80
C9 RQ3 J . -4.69 8.68 -0.78
C10 RQ3 J . -4.85 8.34 0.65
C11 RQ3 J . -5.44 7.10 1.01
C12 RQ3 J . -5.69 6.53 -1.40
C13 RQ3 J . -5.85 6.19 -0.02
C14 RQ3 J . -5.61 6.71 2.51
C15 RQ3 J . -4.74 5.67 2.95
O16 RQ3 J . -3.79 5.32 2.23
N17 RQ3 J . -5.03 5.12 4.11
C18 RQ3 J . -4.39 4.09 4.77
C19 RQ3 J . -4.57 3.96 6.18
C20 RQ3 J . -3.93 2.90 6.91
C21 RQ3 J . -3.09 1.98 6.24
C22 RQ3 J . -3.53 3.14 4.12
C23 RQ3 J . -2.89 2.08 4.85
C24 RQ3 J . -4.14 2.77 8.42
C25 RQ3 J . -2.00 1.09 4.12
N NO3 K . -22.53 -8.73 -12.74
O1 NO3 K . -22.53 -10.10 -13.05
O2 NO3 K . -21.46 -7.93 -13.14
O3 NO3 K . -23.46 -8.25 -12.14
N NO L . -6.15 -0.51 -18.12
O NO L . -5.68 -1.45 -17.73
CHA HEM M . -9.20 1.68 -19.47
CHB HEM M . -4.53 2.77 -19.61
CHC HEM M . -4.08 0.94 -15.14
CHD HEM M . -8.59 -0.75 -15.32
C1A HEM M . -7.97 2.14 -19.89
C2A HEM M . -7.74 2.83 -21.12
C3A HEM M . -6.40 3.11 -21.19
C4A HEM M . -5.83 2.56 -20.00
CMA HEM M . -5.67 3.84 -22.31
CAA HEM M . -8.74 3.08 -22.24
CBA HEM M . -9.74 4.17 -21.90
CGA HEM M . -10.56 4.59 -23.11
O1A HEM M . -11.57 5.29 -22.93
O2A HEM M . -10.20 4.20 -24.24
C1B HEM M . -4.00 2.41 -18.39
C2B HEM M . -2.65 2.66 -17.99
C3B HEM M . -2.52 2.14 -16.70
C4B HEM M . -3.79 1.55 -16.36
CMB HEM M . -1.64 3.41 -18.84
CAB HEM M . -1.43 2.16 -15.81
CBB HEM M . -0.03 1.99 -16.15
C1C HEM M . -5.25 0.31 -14.78
C2C HEM M . -5.41 -0.53 -13.58
C3C HEM M . -6.66 -1.07 -13.64
C4C HEM M . -7.29 -0.53 -14.88
CMC HEM M . -4.41 -0.65 -12.45
CAC HEM M . -7.32 -1.89 -12.70
CBC HEM M . -6.79 -3.06 -12.10
C1D HEM M . -9.18 -0.22 -16.48
C2D HEM M . -10.61 -0.33 -16.88
C3D HEM M . -10.78 0.34 -18.03
C4D HEM M . -9.47 0.93 -18.33
CMD HEM M . -11.72 -1.02 -16.11
CAD HEM M . -12.04 0.36 -18.92
CBD HEM M . -12.30 -1.06 -19.46
CGD HEM M . -13.60 -1.17 -20.25
O1D HEM M . -13.60 -0.81 -21.46
O2D HEM M . -14.60 -1.61 -19.67
NA HEM M . -6.80 1.96 -19.21
NB HEM M . -4.67 1.71 -17.41
NC HEM M . -6.38 0.26 -15.57
ND HEM M . -8.52 0.55 -17.41
FE HEM M . -6.55 0.99 -17.45
CHA HEM N . 20.49 -11.35 7.99
CHB HEM N . 17.44 -14.35 5.63
CHC HEM N . 15.13 -10.40 3.82
CHD HEM N . 18.13 -7.45 6.29
C1A HEM N . 19.92 -12.53 7.44
C2A HEM N . 20.42 -13.90 7.70
C3A HEM N . 19.53 -14.78 7.04
C4A HEM N . 18.52 -13.91 6.41
CMA HEM N . 19.47 -16.32 7.06
CAA HEM N . 21.64 -14.14 8.61
CBA HEM N . 21.30 -14.69 9.99
CGA HEM N . 22.28 -14.24 11.08
O1A HEM N . 22.20 -14.79 12.20
O2A HEM N . 23.10 -13.34 10.82
C1B HEM N . 16.46 -13.50 5.02
C2B HEM N . 15.30 -13.99 4.22
C3B HEM N . 14.66 -12.89 3.76
C4B HEM N . 15.43 -11.73 4.20
CMB HEM N . 14.87 -15.43 3.89
CAB HEM N . 13.45 -12.85 3.05
CBB HEM N . 13.19 -13.55 1.85
C1C HEM N . 15.75 -9.26 4.33
C2C HEM N . 15.53 -7.91 3.86
C3C HEM N . 16.36 -7.05 4.59
C4C HEM N . 17.07 -7.91 5.51
CMC HEM N . 14.63 -7.57 2.68
CAC HEM N . 16.53 -5.66 4.55
CBC HEM N . 16.59 -4.83 3.37
C1D HEM N . 19.02 -8.28 6.98
C2D HEM N . 20.17 -7.79 7.68
C3D HEM N . 20.80 -8.87 8.16
C4D HEM N . 20.03 -10.03 7.81
CMD HEM N . 20.56 -6.33 7.88
CAD HEM N . 22.15 -8.85 8.86
CBD HEM N . 23.29 -8.83 7.88
CGD HEM N . 24.63 -8.68 8.56
O1D HEM N . 25.05 -7.53 8.83
O2D HEM N . 25.27 -9.72 8.86
NA HEM N . 18.78 -12.54 6.68
NB HEM N . 16.47 -12.09 5.03
NC HEM N . 16.73 -9.26 5.31
ND HEM N . 18.95 -9.65 7.07
FE HEM N . 17.63 -10.87 6.18
AS CAC O . -4.17 -17.26 8.46
O1 CAC O . -4.17 -17.77 6.87
O2 CAC O . -5.75 -16.87 8.83
C1 CAC O . -3.67 -18.74 9.60
C2 CAC O . -3.16 -15.62 8.74
N NO3 P . 19.36 -4.06 18.83
O1 NO3 P . 20.22 -5.08 18.39
O2 NO3 P . 19.51 -2.77 18.38
O3 NO3 P . 18.46 -4.33 19.61
#